data_4KDP
#
_entry.id   4KDP
#
_cell.length_a   91.899
_cell.length_b   91.899
_cell.length_c   261.534
_cell.angle_alpha   90.00
_cell.angle_beta   90.00
_cell.angle_gamma   120.00
#
_symmetry.space_group_name_H-M   'P 32 2 1'
#
loop_
_entity.id
_entity.type
_entity.pdbx_description
1 polymer 'TcaR transcription regulator'
2 polymer "DNA (5'-D(*CP*GP*CP*AP*GP*CP*GP*CP*GP*CP*AP*GP*CP*CP*CP*TP*A)-3')"
3 non-polymer 1,2-ETHANEDIOL
4 non-polymer 2-AMINO-2-HYDROXYMETHYL-PROPANE-1,3-DIOL
5 water water
#
loop_
_entity_poly.entity_id
_entity_poly.type
_entity_poly.pdbx_seq_one_letter_code
_entity_poly.pdbx_strand_id
1 'polypeptide(L)'
;MVRRIEDHISFLEKFINDVNTLTAKLLKDLQTEYGISAEQSHVLNMLSIEALTVGQITEKQGVNKAAVSRRVKKLLNAEL
VKLEKPDSNTDQRLKIIKLSNKGKKYIKERKAIMSHIASDMTSDFDSKEIEKVRQVLEIIDYRIQSYTSKL
;
A,B,C,D,E,F,G
2 'polydeoxyribonucleotide' (DC)(DG)(DC)(DA)(DG)(DC)(DG)(DC)(DG)(DC)(DA)(DG)(DC)(DC)(DC)(DT)(DA) H,J
#
loop_
_chem_comp.id
_chem_comp.type
_chem_comp.name
_chem_comp.formula
DA DNA linking 2'-DEOXYADENOSINE-5'-MONOPHOSPHATE 'C10 H14 N5 O6 P'
DC DNA linking 2'-DEOXYCYTIDINE-5'-MONOPHOSPHATE 'C9 H14 N3 O7 P'
DG DNA linking 2'-DEOXYGUANOSINE-5'-MONOPHOSPHATE 'C10 H14 N5 O7 P'
DT DNA linking THYMIDINE-5'-MONOPHOSPHATE 'C10 H15 N2 O8 P'
EDO non-polymer 1,2-ETHANEDIOL 'C2 H6 O2'
TRS non-polymer 2-AMINO-2-HYDROXYMETHYL-PROPANE-1,3-DIOL 'C4 H12 N O3 1'
#
# COMPACT_ATOMS: atom_id res chain seq x y z
N MET A 1 14.75 -7.21 -12.24
CA MET A 1 14.63 -7.52 -10.78
C MET A 1 13.97 -8.89 -10.59
N VAL A 2 14.75 -9.91 -10.20
CA VAL A 2 14.21 -11.27 -10.00
C VAL A 2 14.51 -11.88 -8.64
N ARG A 3 15.39 -11.24 -7.86
CA ARG A 3 15.78 -11.77 -6.55
C ARG A 3 15.37 -10.92 -5.35
N ARG A 4 15.46 -9.60 -5.48
CA ARG A 4 15.13 -8.68 -4.37
C ARG A 4 14.05 -9.21 -3.45
N ILE A 5 13.07 -9.89 -4.03
CA ILE A 5 11.95 -10.44 -3.27
C ILE A 5 12.37 -11.42 -2.18
N GLU A 6 13.56 -11.99 -2.32
CA GLU A 6 14.05 -13.01 -1.39
C GLU A 6 14.27 -12.55 0.05
N ASP A 7 15.15 -11.55 0.25
CA ASP A 7 15.49 -11.12 1.60
C ASP A 7 14.25 -10.80 2.43
N HIS A 8 13.21 -10.34 1.75
CA HIS A 8 11.96 -9.98 2.39
C HIS A 8 11.29 -11.08 3.22
N ILE A 9 11.28 -12.30 2.69
CA ILE A 9 10.64 -13.45 3.36
C ILE A 9 11.46 -13.90 4.55
N SER A 10 12.76 -13.99 4.33
CA SER A 10 13.71 -14.28 5.39
C SER A 10 13.53 -13.21 6.43
N PHE A 11 13.39 -11.96 5.98
CA PHE A 11 13.21 -10.85 6.92
C PHE A 11 11.93 -11.05 7.68
N LEU A 12 10.88 -11.41 6.96
CA LEU A 12 9.57 -11.65 7.55
C LEU A 12 9.64 -12.90 8.42
N GLU A 13 10.52 -13.82 8.04
CA GLU A 13 10.74 -15.01 8.83
C GLU A 13 11.35 -14.47 10.14
N LYS A 14 12.57 -13.99 10.05
CA LYS A 14 13.26 -13.37 11.16
C LYS A 14 12.26 -12.68 12.05
N PHE A 15 11.59 -11.66 11.50
CA PHE A 15 10.67 -10.79 12.22
C PHE A 15 9.66 -11.45 13.11
N ILE A 16 9.09 -12.55 12.69
CA ILE A 16 8.13 -13.19 13.60
C ILE A 16 8.88 -13.71 14.83
N ASN A 17 9.86 -14.54 14.57
CA ASN A 17 10.65 -15.13 15.63
C ASN A 17 10.90 -14.10 16.72
N ASP A 18 11.30 -12.89 16.33
CA ASP A 18 11.49 -11.79 17.24
C ASP A 18 10.16 -11.58 17.92
N VAL A 19 9.17 -11.17 17.16
CA VAL A 19 7.84 -10.94 17.72
C VAL A 19 7.47 -12.16 18.58
N ASN A 20 7.76 -13.35 18.05
CA ASN A 20 7.46 -14.60 18.73
C ASN A 20 8.15 -14.65 20.10
N THR A 21 9.42 -14.24 20.13
CA THR A 21 10.18 -14.28 21.38
C THR A 21 9.74 -13.21 22.37
N LEU A 22 9.50 -12.00 21.87
CA LEU A 22 9.09 -10.96 22.78
C LEU A 22 7.83 -11.41 23.52
N THR A 23 6.75 -11.73 22.79
CA THR A 23 5.50 -12.21 23.44
C THR A 23 5.79 -13.23 24.53
N ALA A 24 6.71 -14.15 24.24
CA ALA A 24 7.09 -15.22 25.17
C ALA A 24 7.87 -14.71 26.38
N LYS A 25 9.04 -14.14 26.12
CA LYS A 25 9.81 -13.59 27.21
C LYS A 25 9.05 -12.40 27.84
N LEU A 26 7.80 -12.20 27.44
CA LEU A 26 7.02 -11.08 27.98
C LEU A 26 5.72 -11.53 28.61
N LEU A 27 5.20 -12.64 28.09
CA LEU A 27 3.97 -13.22 28.60
C LEU A 27 4.29 -14.37 29.53
N LYS A 28 5.58 -14.61 29.78
CA LYS A 28 5.98 -15.63 30.74
C LYS A 28 5.49 -15.16 32.10
N ASP A 29 4.90 -13.99 32.07
CA ASP A 29 4.21 -13.35 33.18
C ASP A 29 2.97 -14.23 33.51
N LEU A 30 1.85 -13.82 32.92
CA LEU A 30 0.54 -14.44 33.04
C LEU A 30 0.50 -15.93 32.66
N GLN A 31 1.56 -16.40 31.97
CA GLN A 31 1.61 -17.80 31.53
C GLN A 31 1.71 -18.72 32.74
N THR A 32 2.67 -18.48 33.61
CA THR A 32 2.78 -19.26 34.84
C THR A 32 1.71 -18.80 35.84
N GLU A 33 1.40 -17.51 35.87
CA GLU A 33 0.37 -17.04 36.77
C GLU A 33 -1.00 -17.61 36.39
N TYR A 34 -1.05 -18.45 35.36
CA TYR A 34 -2.27 -19.15 34.98
C TYR A 34 -1.88 -20.61 34.96
N GLY A 35 -0.59 -20.85 35.20
CA GLY A 35 -0.03 -22.18 35.23
C GLY A 35 -0.19 -22.89 33.91
N ILE A 36 0.22 -22.22 32.84
CA ILE A 36 0.08 -22.78 31.50
C ILE A 36 1.39 -22.84 30.72
N SER A 37 1.64 -23.97 30.08
CA SER A 37 2.82 -24.14 29.25
C SER A 37 2.75 -23.18 28.11
N ALA A 38 3.91 -22.67 27.75
CA ALA A 38 3.99 -21.63 26.76
C ALA A 38 3.20 -21.89 25.51
N GLU A 39 3.61 -22.89 24.74
CA GLU A 39 2.95 -23.11 23.46
C GLU A 39 1.46 -23.36 23.57
N GLN A 40 1.00 -23.78 24.75
CA GLN A 40 -0.44 -23.92 24.95
C GLN A 40 -0.95 -22.53 24.58
N SER A 41 -0.45 -21.51 25.28
CA SER A 41 -0.83 -20.13 25.00
C SER A 41 -1.21 -19.97 23.52
N HIS A 42 -0.32 -20.44 22.64
CA HIS A 42 -0.55 -20.33 21.21
C HIS A 42 -1.90 -20.88 20.84
N VAL A 43 -2.15 -22.14 21.19
CA VAL A 43 -3.43 -22.82 20.93
C VAL A 43 -4.66 -21.93 21.12
N LEU A 44 -4.63 -21.13 22.18
CA LEU A 44 -5.72 -20.26 22.54
C LEU A 44 -5.90 -19.11 21.57
N ASN A 45 -4.81 -18.64 20.98
CA ASN A 45 -4.87 -17.55 20.01
C ASN A 45 -5.95 -17.75 18.92
N MET A 46 -6.02 -18.94 18.33
CA MET A 46 -7.01 -19.17 17.28
C MET A 46 -8.41 -19.20 17.86
N LEU A 47 -8.63 -20.05 18.87
CA LEU A 47 -9.93 -20.19 19.53
C LEU A 47 -10.51 -18.84 19.88
N SER A 48 -9.64 -17.84 19.94
CA SER A 48 -10.05 -16.47 20.23
C SER A 48 -10.74 -15.82 19.03
N ILE A 49 -10.33 -16.24 17.82
CA ILE A 49 -10.92 -15.74 16.57
C ILE A 49 -12.32 -16.34 16.30
N GLU A 50 -12.52 -17.64 16.57
CA GLU A 50 -13.84 -18.28 16.43
C GLU A 50 -14.03 -19.57 17.25
N ALA A 51 -15.12 -20.28 16.98
CA ALA A 51 -15.36 -21.58 17.59
C ALA A 51 -14.48 -22.60 16.86
N LEU A 52 -14.03 -23.65 17.55
CA LEU A 52 -13.13 -24.58 16.90
C LEU A 52 -13.00 -26.00 17.49
N THR A 53 -12.56 -26.94 16.64
CA THR A 53 -12.40 -28.37 17.00
C THR A 53 -10.93 -28.85 16.88
N VAL A 54 -10.58 -29.93 17.60
CA VAL A 54 -9.19 -30.41 17.63
C VAL A 54 -8.57 -30.66 16.28
N GLY A 55 -9.36 -31.20 15.36
CA GLY A 55 -8.88 -31.41 13.99
C GLY A 55 -8.48 -30.06 13.45
N GLN A 56 -9.42 -29.12 13.52
CA GLN A 56 -9.19 -27.78 13.05
C GLN A 56 -7.90 -27.26 13.68
N ILE A 57 -7.75 -27.41 14.99
CA ILE A 57 -6.59 -26.87 15.70
C ILE A 57 -5.25 -27.42 15.22
N THR A 58 -5.27 -28.58 14.62
CA THR A 58 -4.04 -29.20 14.13
C THR A 58 -3.76 -28.73 12.70
N GLU A 59 -4.79 -28.21 12.04
CA GLU A 59 -4.72 -27.74 10.66
C GLU A 59 -3.73 -26.59 10.42
N LYS A 60 -3.51 -25.77 11.44
CA LYS A 60 -2.61 -24.63 11.31
C LYS A 60 -1.14 -24.95 11.57
N GLN A 61 -0.88 -26.25 11.79
CA GLN A 61 0.47 -26.75 12.07
C GLN A 61 0.77 -28.00 11.26
N GLY A 62 1.11 -29.09 11.96
CA GLY A 62 1.41 -30.39 11.34
C GLY A 62 0.57 -31.55 11.91
N VAL A 63 0.91 -32.77 11.50
CA VAL A 63 0.14 -34.01 11.84
C VAL A 63 -0.07 -34.35 13.33
N ASN A 64 -0.17 -33.32 14.17
CA ASN A 64 -0.31 -33.49 15.62
C ASN A 64 -1.73 -33.85 16.07
N LYS A 65 -2.29 -34.89 15.43
CA LYS A 65 -3.67 -35.34 15.67
C LYS A 65 -3.93 -35.86 17.09
N ALA A 66 -3.03 -36.73 17.56
CA ALA A 66 -3.08 -37.21 18.94
C ALA A 66 -1.85 -36.61 19.68
N ALA A 67 -1.25 -35.58 19.07
CA ALA A 67 -0.09 -34.89 19.64
C ALA A 67 -0.49 -33.53 20.22
N VAL A 68 -1.42 -32.83 19.55
CA VAL A 68 -1.94 -31.58 20.10
C VAL A 68 -3.24 -31.87 20.90
N SER A 69 -3.58 -33.16 21.04
CA SER A 69 -4.76 -33.56 21.82
C SER A 69 -4.47 -33.40 23.31
N ARG A 70 -3.25 -33.78 23.73
CA ARG A 70 -2.82 -33.59 25.12
C ARG A 70 -2.88 -32.09 25.43
N ARG A 71 -2.42 -31.30 24.47
CA ARG A 71 -2.38 -29.85 24.54
C ARG A 71 -3.75 -29.30 24.89
N VAL A 72 -4.78 -29.77 24.20
CA VAL A 72 -6.14 -29.29 24.43
C VAL A 72 -6.72 -29.82 25.74
N LYS A 73 -6.44 -31.08 26.04
CA LYS A 73 -6.94 -31.68 27.26
C LYS A 73 -6.20 -31.06 28.44
N LYS A 74 -5.01 -30.54 28.17
CA LYS A 74 -4.22 -29.86 29.19
C LYS A 74 -4.79 -28.45 29.39
N LEU A 75 -5.83 -28.14 28.62
CA LEU A 75 -6.56 -26.89 28.74
C LEU A 75 -8.00 -27.23 29.09
N LEU A 76 -8.26 -28.53 29.22
CA LEU A 76 -9.58 -29.04 29.59
C LEU A 76 -9.52 -29.62 31.02
N ASN A 77 -8.76 -30.72 31.17
CA ASN A 77 -8.50 -31.35 32.47
C ASN A 77 -7.66 -30.37 33.33
N ALA A 78 -7.28 -29.27 32.68
CA ALA A 78 -6.65 -28.10 33.32
C ALA A 78 -7.53 -26.91 32.89
N GLU A 79 -7.50 -25.84 33.67
CA GLU A 79 -8.46 -24.73 33.51
C GLU A 79 -8.60 -24.07 32.13
N LEU A 80 -9.55 -23.13 32.03
CA LEU A 80 -9.95 -22.41 30.78
C LEU A 80 -10.53 -23.39 29.75
N VAL A 81 -10.95 -22.86 28.61
CA VAL A 81 -11.44 -23.69 27.50
C VAL A 81 -12.57 -24.66 27.84
N LYS A 82 -13.78 -24.37 27.37
CA LYS A 82 -14.90 -25.27 27.59
C LYS A 82 -14.77 -26.54 26.71
N LEU A 83 -15.89 -27.22 26.39
CA LEU A 83 -15.81 -28.47 25.64
C LEU A 83 -16.85 -28.77 24.56
N GLU A 84 -18.08 -28.28 24.74
CA GLU A 84 -19.27 -28.64 23.92
C GLU A 84 -19.74 -29.98 24.50
N LYS A 85 -20.96 -29.96 25.07
CA LYS A 85 -21.55 -31.10 25.79
C LYS A 85 -20.61 -31.49 26.93
N PRO A 86 -20.83 -30.91 28.14
CA PRO A 86 -20.03 -31.10 29.37
C PRO A 86 -19.49 -32.51 29.67
N ASP A 87 -20.01 -33.49 28.94
CA ASP A 87 -19.59 -34.89 29.02
C ASP A 87 -19.39 -35.54 27.64
N SER A 88 -18.16 -36.04 27.41
CA SER A 88 -17.80 -36.73 26.17
C SER A 88 -16.61 -37.67 26.39
N ASN A 89 -16.78 -38.92 25.94
CA ASN A 89 -15.82 -40.03 26.15
C ASN A 89 -14.41 -39.82 25.58
N THR A 90 -14.32 -39.76 24.25
CA THR A 90 -13.07 -39.48 23.52
C THR A 90 -13.34 -39.06 22.05
N ASP A 91 -14.58 -39.25 21.59
CA ASP A 91 -14.97 -38.88 20.24
C ASP A 91 -14.86 -37.37 20.12
N GLN A 92 -13.86 -36.92 19.36
CA GLN A 92 -13.53 -35.50 19.16
C GLN A 92 -14.30 -34.79 18.03
N ARG A 93 -15.15 -35.59 17.35
CA ARG A 93 -16.05 -35.13 16.29
C ARG A 93 -17.32 -34.52 16.95
N LEU A 94 -17.83 -35.17 18.02
CA LEU A 94 -18.94 -34.63 18.83
C LEU A 94 -18.36 -33.59 19.82
N LYS A 95 -17.03 -33.54 19.87
CA LYS A 95 -16.35 -32.54 20.67
C LYS A 95 -16.12 -31.33 19.80
N ILE A 96 -16.53 -30.19 20.31
CA ILE A 96 -16.29 -28.92 19.66
C ILE A 96 -15.73 -28.05 20.79
N ILE A 97 -14.41 -27.95 20.83
CA ILE A 97 -13.71 -27.23 21.90
C ILE A 97 -13.69 -25.72 21.72
N LYS A 98 -14.43 -25.05 22.61
CA LYS A 98 -14.60 -23.61 22.59
C LYS A 98 -13.72 -22.94 23.66
N LEU A 99 -14.24 -21.90 24.30
CA LEU A 99 -13.51 -21.20 25.32
C LEU A 99 -14.37 -20.96 26.56
N SER A 100 -13.74 -21.09 27.72
CA SER A 100 -14.42 -20.80 28.99
C SER A 100 -14.32 -19.30 29.24
N ASN A 101 -15.08 -18.82 30.22
CA ASN A 101 -15.05 -17.41 30.64
C ASN A 101 -13.62 -16.88 30.64
N LYS A 102 -12.77 -17.46 31.50
CA LYS A 102 -11.36 -17.13 31.60
C LYS A 102 -10.62 -17.39 30.29
N GLY A 103 -11.19 -18.24 29.44
CA GLY A 103 -10.68 -18.46 28.10
C GLY A 103 -10.53 -17.13 27.38
N LYS A 104 -11.38 -16.17 27.74
CA LYS A 104 -11.22 -14.80 27.27
C LYS A 104 -10.41 -14.06 28.34
N LYS A 105 -10.77 -14.26 29.62
CA LYS A 105 -10.12 -13.60 30.74
C LYS A 105 -8.64 -13.76 30.70
N TYR A 106 -8.15 -14.76 29.97
CA TYR A 106 -6.71 -14.84 29.78
C TYR A 106 -6.34 -14.05 28.51
N ILE A 107 -7.00 -14.37 27.40
CA ILE A 107 -6.77 -13.61 26.18
C ILE A 107 -6.98 -12.12 26.49
N LYS A 108 -8.02 -11.80 27.28
CA LYS A 108 -8.29 -10.43 27.68
C LYS A 108 -7.13 -9.83 28.46
N GLU A 109 -6.45 -10.64 29.28
CA GLU A 109 -5.27 -10.15 30.01
C GLU A 109 -4.09 -10.05 29.03
N ARG A 110 -3.58 -11.19 28.56
CA ARG A 110 -2.49 -11.21 27.58
C ARG A 110 -2.53 -10.15 26.48
N LYS A 111 -3.72 -9.85 25.97
CA LYS A 111 -3.78 -8.93 24.86
C LYS A 111 -3.40 -7.52 25.26
N ALA A 112 -4.13 -6.93 26.20
CA ALA A 112 -3.80 -5.58 26.66
C ALA A 112 -2.31 -5.48 27.13
N ILE A 113 -1.75 -6.61 27.54
CA ILE A 113 -0.34 -6.72 27.93
C ILE A 113 0.54 -6.47 26.71
N MET A 114 0.51 -7.39 25.75
CA MET A 114 1.32 -7.30 24.52
C MET A 114 0.92 -6.09 23.66
N SER A 115 0.04 -5.27 24.21
CA SER A 115 -0.46 -4.12 23.51
C SER A 115 0.20 -2.81 23.95
N HIS A 116 0.18 -2.50 25.26
CA HIS A 116 0.84 -1.30 25.79
C HIS A 116 2.25 -1.23 25.23
N ILE A 117 2.86 -2.39 25.02
CA ILE A 117 4.20 -2.45 24.45
C ILE A 117 4.17 -2.03 22.98
N ALA A 118 3.11 -2.40 22.30
CA ALA A 118 2.95 -2.06 20.90
C ALA A 118 2.28 -0.69 20.78
N SER A 119 1.79 -0.19 21.91
CA SER A 119 1.25 1.18 21.99
C SER A 119 2.47 2.11 22.10
N ASP A 120 3.40 1.74 22.98
CA ASP A 120 4.66 2.46 23.14
C ASP A 120 5.41 2.37 21.84
N MET A 121 5.86 1.15 21.53
CA MET A 121 6.70 0.90 20.37
C MET A 121 6.42 1.80 19.19
N THR A 122 5.15 1.99 18.89
CA THR A 122 4.80 2.82 17.77
C THR A 122 3.97 3.96 18.25
N SER A 123 4.55 5.15 18.24
CA SER A 123 3.88 6.34 18.72
C SER A 123 4.45 7.63 18.12
N ASP A 124 5.36 7.50 17.18
CA ASP A 124 5.88 8.67 16.51
C ASP A 124 5.38 8.64 15.09
N PHE A 125 4.48 7.70 14.84
CA PHE A 125 3.87 7.54 13.52
C PHE A 125 2.51 8.24 13.44
N ASP A 126 2.28 8.85 12.29
CA ASP A 126 0.97 9.42 11.99
C ASP A 126 0.20 8.17 11.63
N SER A 127 -1.04 8.08 12.08
CA SER A 127 -1.84 6.89 11.82
C SER A 127 -1.77 6.53 10.32
N LYS A 128 -1.39 7.49 9.47
CA LYS A 128 -1.37 7.26 8.03
C LYS A 128 -0.27 6.36 7.47
N GLU A 129 0.94 6.45 8.01
CA GLU A 129 2.04 5.63 7.54
C GLU A 129 2.00 4.23 8.14
N ILE A 130 1.20 4.01 9.18
CA ILE A 130 1.00 2.65 9.68
C ILE A 130 -0.10 2.08 8.81
N GLU A 131 -1.23 2.77 8.76
CA GLU A 131 -2.36 2.31 7.97
C GLU A 131 -1.91 1.69 6.64
N LYS A 132 -1.19 2.45 5.83
CA LYS A 132 -0.72 1.95 4.56
C LYS A 132 -0.19 0.55 4.75
N VAL A 133 0.80 0.43 5.63
CA VAL A 133 1.40 -0.85 5.97
C VAL A 133 0.33 -1.88 6.32
N ARG A 134 -0.64 -1.52 7.15
CA ARG A 134 -1.71 -2.43 7.53
C ARG A 134 -2.42 -2.99 6.31
N GLN A 135 -2.54 -2.16 5.26
CA GLN A 135 -3.29 -2.55 4.07
C GLN A 135 -2.52 -3.57 3.23
N VAL A 136 -1.33 -3.20 2.78
CA VAL A 136 -0.54 -4.15 2.03
C VAL A 136 -0.45 -5.43 2.82
N LEU A 137 -0.66 -5.33 4.10
CA LEU A 137 -0.55 -6.49 4.99
C LEU A 137 -1.83 -7.24 4.96
N GLU A 138 -2.92 -6.48 4.99
CA GLU A 138 -4.26 -7.06 4.92
C GLU A 138 -4.35 -7.82 3.58
N ILE A 139 -3.85 -7.22 2.50
CA ILE A 139 -3.83 -7.92 1.23
C ILE A 139 -3.04 -9.22 1.35
N ILE A 140 -1.74 -9.10 1.53
CA ILE A 140 -0.91 -10.29 1.51
C ILE A 140 -1.45 -11.34 2.41
N ASP A 141 -2.34 -10.94 3.30
CA ASP A 141 -2.89 -11.94 4.13
C ASP A 141 -4.08 -12.58 3.44
N TYR A 142 -4.84 -11.78 2.71
CA TYR A 142 -6.02 -12.29 2.01
C TYR A 142 -5.52 -13.35 1.07
N ARG A 143 -4.56 -12.95 0.24
CA ARG A 143 -4.00 -13.84 -0.79
C ARG A 143 -3.55 -15.13 -0.19
N ILE A 144 -3.16 -15.07 1.06
CA ILE A 144 -2.74 -16.25 1.72
C ILE A 144 -3.99 -17.05 2.07
N GLN A 145 -4.96 -16.44 2.74
CA GLN A 145 -6.21 -17.15 3.09
C GLN A 145 -6.80 -17.93 1.91
N SER A 146 -6.76 -17.34 0.72
CA SER A 146 -7.28 -18.00 -0.45
C SER A 146 -6.34 -19.13 -0.85
N TYR A 147 -5.10 -18.82 -1.23
CA TYR A 147 -4.11 -19.85 -1.63
C TYR A 147 -3.97 -20.92 -0.56
N THR A 148 -4.63 -20.69 0.58
CA THR A 148 -4.73 -21.70 1.64
C THR A 148 -6.17 -22.22 1.46
N SER A 149 -6.43 -22.86 0.32
CA SER A 149 -7.76 -23.40 0.01
C SER A 149 -7.61 -24.70 -0.77
N LYS A 150 -6.92 -24.57 -1.90
CA LYS A 150 -6.58 -25.68 -2.77
C LYS A 150 -5.92 -26.77 -1.93
N LEU A 151 -4.97 -26.36 -1.07
CA LEU A 151 -4.21 -27.24 -0.17
C LEU A 151 -3.09 -26.44 0.54
N MET B 1 -7.71 6.47 20.37
CA MET B 1 -6.84 5.47 19.69
C MET B 1 -6.26 4.40 20.64
N VAL B 2 -7.02 4.08 21.69
CA VAL B 2 -6.61 3.04 22.63
C VAL B 2 -7.18 1.68 22.20
N ARG B 3 -8.33 1.72 21.51
CA ARG B 3 -8.99 0.53 20.97
C ARG B 3 -8.42 0.20 19.57
N ARG B 4 -7.75 1.17 18.95
CA ARG B 4 -7.24 0.98 17.60
C ARG B 4 -6.12 -0.03 17.53
N ILE B 5 -5.07 0.21 18.30
CA ILE B 5 -3.91 -0.66 18.26
C ILE B 5 -4.20 -2.07 18.71
N GLU B 6 -5.12 -2.24 19.66
CA GLU B 6 -5.54 -3.59 20.06
C GLU B 6 -5.94 -4.39 18.81
N ASP B 7 -6.37 -3.68 17.76
CA ASP B 7 -6.72 -4.30 16.50
C ASP B 7 -5.46 -4.58 15.70
N HIS B 8 -4.70 -3.55 15.38
CA HIS B 8 -3.47 -3.73 14.60
C HIS B 8 -2.55 -4.79 15.18
N ILE B 9 -2.72 -5.06 16.47
CA ILE B 9 -1.94 -6.10 17.11
C ILE B 9 -2.69 -7.42 16.92
N SER B 10 -4.02 -7.33 16.95
CA SER B 10 -4.86 -8.53 16.74
C SER B 10 -4.66 -9.05 15.30
N PHE B 11 -4.61 -8.14 14.32
CA PHE B 11 -4.42 -8.51 12.91
C PHE B 11 -3.13 -9.18 12.71
N LEU B 12 -2.07 -8.54 13.14
CA LEU B 12 -0.76 -9.10 12.99
C LEU B 12 -0.84 -10.49 13.60
N GLU B 13 -1.32 -10.55 14.83
CA GLU B 13 -1.54 -11.84 15.51
C GLU B 13 -2.34 -12.80 14.58
N LYS B 14 -3.12 -12.24 13.64
CA LYS B 14 -3.81 -13.07 12.65
C LYS B 14 -2.91 -13.28 11.44
N PHE B 15 -2.59 -12.24 10.69
CA PHE B 15 -1.75 -12.38 9.53
C PHE B 15 -0.52 -13.22 9.79
N ILE B 16 -0.05 -13.20 11.03
CA ILE B 16 1.14 -13.95 11.41
C ILE B 16 0.96 -15.47 11.20
N ASN B 17 0.07 -16.09 11.98
CA ASN B 17 -0.12 -17.53 11.96
C ASN B 17 -0.76 -18.04 10.70
N ASP B 18 -1.24 -17.13 9.85
CA ASP B 18 -1.73 -17.48 8.53
C ASP B 18 -0.49 -17.57 7.64
N VAL B 19 0.63 -17.04 8.13
CA VAL B 19 1.89 -17.24 7.44
C VAL B 19 2.47 -18.52 8.02
N ASN B 20 2.17 -18.80 9.29
CA ASN B 20 2.61 -20.06 9.93
C ASN B 20 1.91 -21.30 9.36
N THR B 21 0.61 -21.41 9.60
CA THR B 21 -0.23 -22.48 9.05
C THR B 21 0.17 -22.78 7.60
N LEU B 22 0.30 -21.74 6.79
CA LEU B 22 0.74 -21.91 5.42
C LEU B 22 2.05 -22.68 5.43
N THR B 23 3.15 -21.99 5.78
CA THR B 23 4.48 -22.59 5.72
C THR B 23 4.42 -24.10 5.97
N ALA B 24 3.95 -24.50 7.14
CA ALA B 24 3.86 -25.92 7.48
C ALA B 24 3.15 -26.80 6.43
N LYS B 25 1.94 -26.40 6.02
CA LYS B 25 1.20 -27.18 5.03
C LYS B 25 1.93 -27.16 3.68
N LEU B 26 2.36 -25.97 3.31
CA LEU B 26 3.06 -25.76 2.08
C LEU B 26 4.44 -26.40 2.06
N LEU B 27 4.90 -26.87 3.21
CA LEU B 27 6.23 -27.45 3.30
C LEU B 27 6.25 -28.91 3.72
N LYS B 28 5.17 -29.38 4.33
CA LYS B 28 5.09 -30.74 4.82
C LYS B 28 5.73 -31.77 3.90
N ASP B 29 5.60 -31.58 2.60
CA ASP B 29 6.18 -32.50 1.62
C ASP B 29 7.69 -32.65 1.81
N LEU B 30 8.40 -31.54 1.92
CA LEU B 30 9.85 -31.55 2.12
C LEU B 30 10.27 -31.68 3.59
N GLN B 31 9.37 -32.23 4.42
CA GLN B 31 9.69 -32.51 5.82
C GLN B 31 9.28 -33.96 6.03
N THR B 32 8.92 -34.59 4.92
CA THR B 32 8.61 -36.01 4.84
C THR B 32 9.57 -36.53 3.74
N GLU B 33 10.09 -35.60 2.93
CA GLU B 33 11.16 -35.91 1.98
C GLU B 33 12.46 -35.93 2.86
N TYR B 34 12.61 -34.97 3.79
CA TYR B 34 13.79 -34.90 4.65
C TYR B 34 13.57 -35.53 6.03
N GLY B 35 12.35 -35.99 6.26
CA GLY B 35 11.97 -36.78 7.44
C GLY B 35 12.06 -36.18 8.84
N ILE B 36 11.81 -34.87 8.93
CA ILE B 36 11.85 -34.17 10.22
C ILE B 36 10.49 -33.95 10.88
N SER B 37 10.25 -32.73 11.32
CA SER B 37 9.03 -32.37 12.01
C SER B 37 8.98 -30.86 12.12
N ALA B 38 7.78 -30.29 12.06
CA ALA B 38 7.58 -28.84 12.11
C ALA B 38 8.47 -28.18 13.15
N GLU B 39 8.29 -28.61 14.41
CA GLU B 39 9.04 -28.12 15.56
C GLU B 39 10.55 -28.31 15.35
N GLN B 40 10.91 -28.66 14.13
CA GLN B 40 12.31 -28.84 13.82
C GLN B 40 12.65 -27.93 12.65
N SER B 41 11.73 -27.76 11.71
CA SER B 41 11.96 -26.81 10.64
C SER B 41 12.11 -25.43 11.27
N HIS B 42 11.30 -25.18 12.32
CA HIS B 42 11.35 -23.91 13.04
C HIS B 42 12.66 -23.81 13.83
N VAL B 43 13.24 -24.95 14.18
CA VAL B 43 14.54 -24.99 14.87
C VAL B 43 15.71 -24.86 13.87
N LEU B 44 15.61 -25.57 12.75
CA LEU B 44 16.58 -25.48 11.66
C LEU B 44 16.66 -24.03 11.20
N ASN B 45 15.48 -23.47 10.86
CA ASN B 45 15.32 -22.09 10.36
C ASN B 45 16.18 -21.10 11.14
N MET B 46 16.07 -21.13 12.48
CA MET B 46 16.77 -20.21 13.35
C MET B 46 18.29 -20.16 13.18
N LEU B 47 18.88 -21.26 12.71
CA LEU B 47 20.32 -21.34 12.50
C LEU B 47 20.63 -21.11 11.03
N SER B 48 19.57 -21.10 10.22
CA SER B 48 19.66 -20.76 8.82
C SER B 48 19.86 -19.25 8.84
N ILE B 49 19.79 -18.69 10.03
CA ILE B 49 20.09 -17.27 10.20
C ILE B 49 21.59 -17.19 10.53
N GLU B 50 22.05 -17.99 11.50
CA GLU B 50 23.46 -18.03 11.90
C GLU B 50 23.63 -18.91 13.16
N ALA B 51 24.82 -19.50 13.32
CA ALA B 51 25.12 -20.46 14.38
C ALA B 51 24.58 -20.16 15.78
N LEU B 52 24.14 -21.20 16.49
CA LEU B 52 23.58 -21.09 17.83
C LEU B 52 23.95 -22.23 18.76
N THR B 53 23.94 -21.96 20.07
CA THR B 53 24.16 -23.02 21.05
C THR B 53 22.77 -23.53 21.43
N VAL B 54 22.75 -24.69 22.10
CA VAL B 54 21.50 -25.27 22.58
C VAL B 54 20.94 -24.39 23.72
N GLY B 55 21.84 -23.78 24.49
CA GLY B 55 21.44 -22.85 25.53
C GLY B 55 20.92 -21.56 24.91
N GLN B 56 21.39 -21.28 23.69
CA GLN B 56 20.97 -20.08 22.99
C GLN B 56 19.61 -20.26 22.29
N ILE B 57 19.26 -21.51 21.99
CA ILE B 57 17.99 -21.81 21.31
C ILE B 57 16.78 -21.83 22.24
N THR B 58 17.01 -22.33 23.45
CA THR B 58 15.96 -22.52 24.46
C THR B 58 15.21 -21.26 24.87
N GLU B 59 15.96 -20.19 25.13
CA GLU B 59 15.41 -18.91 25.57
C GLU B 59 14.41 -18.30 24.59
N LYS B 60 14.57 -18.63 23.31
CA LYS B 60 13.76 -18.06 22.25
C LYS B 60 12.29 -18.48 22.28
N GLN B 61 12.04 -19.76 22.55
CA GLN B 61 10.67 -20.28 22.56
C GLN B 61 10.28 -20.71 23.97
N GLY B 62 10.47 -22.00 24.25
CA GLY B 62 10.14 -22.54 25.55
C GLY B 62 11.36 -22.86 26.38
N VAL B 63 11.30 -22.46 27.66
CA VAL B 63 12.37 -22.76 28.61
C VAL B 63 12.36 -24.26 29.04
N ASN B 64 12.22 -25.14 28.04
CA ASN B 64 12.30 -26.58 28.23
C ASN B 64 13.79 -26.89 28.41
N LYS B 65 14.18 -27.39 29.58
CA LYS B 65 15.60 -27.64 29.91
C LYS B 65 16.31 -28.54 28.90
N ALA B 66 15.90 -29.80 28.81
CA ALA B 66 16.47 -30.75 27.86
C ALA B 66 15.37 -31.39 27.00
N ALA B 67 14.12 -31.00 27.24
CA ALA B 67 12.96 -31.47 26.46
C ALA B 67 13.05 -30.89 25.04
N VAL B 68 13.94 -29.91 24.87
CA VAL B 68 14.27 -29.32 23.57
C VAL B 68 15.61 -29.93 23.09
N SER B 69 16.37 -30.53 24.00
CA SER B 69 17.61 -31.17 23.60
C SER B 69 17.36 -32.56 22.99
N ARG B 70 16.24 -33.18 23.35
CA ARG B 70 15.77 -34.44 22.74
C ARG B 70 15.27 -34.09 21.33
N ARG B 71 15.26 -32.80 21.01
CA ARG B 71 14.82 -32.32 19.71
C ARG B 71 15.99 -31.88 18.87
N VAL B 72 17.16 -31.84 19.49
CA VAL B 72 18.37 -31.56 18.75
C VAL B 72 19.16 -32.86 18.80
N LYS B 73 18.79 -33.70 19.78
CA LYS B 73 19.34 -35.06 19.95
C LYS B 73 19.01 -35.88 18.70
N LYS B 74 17.87 -35.57 18.07
CA LYS B 74 17.49 -36.18 16.81
C LYS B 74 18.15 -35.37 15.68
N LEU B 75 18.09 -34.05 15.77
CA LEU B 75 18.61 -33.19 14.73
C LEU B 75 20.00 -33.56 14.26
N LEU B 76 20.93 -33.72 15.21
CA LEU B 76 22.29 -34.11 14.89
C LEU B 76 22.29 -35.52 14.32
N ASN B 77 21.59 -36.44 14.98
CA ASN B 77 21.51 -37.84 14.57
C ASN B 77 21.12 -38.03 13.10
N ALA B 78 20.29 -37.14 12.58
CA ALA B 78 19.85 -37.23 11.19
C ALA B 78 20.80 -36.48 10.25
N GLU B 79 22.04 -36.32 10.69
CA GLU B 79 23.10 -35.60 9.97
C GLU B 79 22.88 -34.09 9.82
N LEU B 80 21.62 -33.68 9.71
CA LEU B 80 21.25 -32.27 9.46
C LEU B 80 22.12 -31.26 10.21
N VAL B 81 22.01 -31.25 11.53
CA VAL B 81 22.80 -30.34 12.33
C VAL B 81 24.14 -30.99 12.72
N LYS B 82 25.22 -30.24 12.51
CA LYS B 82 26.57 -30.71 12.85
C LYS B 82 27.24 -29.94 14.00
N LEU B 83 28.31 -30.55 14.55
CA LEU B 83 28.93 -30.14 15.82
C LEU B 83 30.02 -29.09 15.94
N GLU B 84 30.35 -28.80 17.22
CA GLU B 84 31.44 -27.92 17.60
C GLU B 84 32.55 -28.85 18.14
N LYS B 85 33.69 -28.83 17.46
CA LYS B 85 34.82 -29.66 17.80
C LYS B 85 34.50 -31.16 17.73
N PRO B 86 35.08 -31.87 16.74
CA PRO B 86 34.88 -33.33 16.61
C PRO B 86 35.53 -34.07 17.81
N ASP B 87 36.11 -33.31 18.75
CA ASP B 87 36.69 -33.89 19.98
C ASP B 87 35.58 -34.53 20.80
N SER B 88 35.83 -35.77 21.23
CA SER B 88 34.79 -36.54 21.90
C SER B 88 34.69 -36.42 23.42
N ASN B 89 33.45 -36.33 23.89
CA ASN B 89 33.09 -36.23 25.31
C ASN B 89 31.65 -36.77 25.42
N THR B 90 30.93 -36.32 26.44
CA THR B 90 29.49 -36.58 26.58
C THR B 90 28.90 -35.23 27.02
N ASP B 91 29.65 -34.18 26.71
CA ASP B 91 29.32 -32.79 27.06
C ASP B 91 28.31 -32.19 26.10
N GLN B 92 27.24 -31.60 26.67
CA GLN B 92 26.17 -31.00 25.87
C GLN B 92 26.04 -29.49 26.06
N ARG B 93 26.53 -28.99 27.20
CA ARG B 93 26.50 -27.55 27.48
C ARG B 93 27.65 -26.82 26.79
N LEU B 94 28.74 -27.55 26.54
CA LEU B 94 29.91 -27.02 25.82
C LEU B 94 29.53 -26.66 24.38
N LYS B 95 29.42 -27.68 23.54
CA LYS B 95 29.21 -27.55 22.10
C LYS B 95 28.24 -26.48 21.61
N ILE B 96 28.59 -25.95 20.43
CA ILE B 96 27.75 -25.02 19.68
C ILE B 96 27.47 -25.75 18.37
N ILE B 97 26.25 -25.59 17.83
CA ILE B 97 25.92 -26.31 16.61
C ILE B 97 25.52 -25.44 15.42
N LYS B 98 25.77 -25.96 14.22
CA LYS B 98 25.44 -25.28 12.97
C LYS B 98 24.82 -26.30 12.00
N LEU B 99 24.25 -25.82 10.90
CA LEU B 99 23.67 -26.72 9.93
C LEU B 99 24.74 -27.32 9.01
N SER B 100 24.63 -28.62 8.74
CA SER B 100 25.55 -29.31 7.85
C SER B 100 25.11 -29.04 6.42
N ASN B 101 25.95 -29.35 5.44
CA ASN B 101 25.55 -29.10 4.05
C ASN B 101 24.20 -29.77 3.71
N LYS B 102 23.77 -30.73 4.56
CA LYS B 102 22.48 -31.42 4.39
C LYS B 102 21.30 -30.64 4.98
N GLY B 103 21.53 -29.98 6.10
CA GLY B 103 20.50 -29.12 6.69
C GLY B 103 20.57 -27.75 6.03
N LYS B 104 21.53 -27.62 5.10
CA LYS B 104 21.74 -26.39 4.33
C LYS B 104 21.07 -26.54 2.96
N LYS B 105 21.18 -27.72 2.35
CA LYS B 105 20.48 -27.98 1.08
C LYS B 105 18.99 -28.32 1.30
N TYR B 106 18.61 -28.45 2.56
CA TYR B 106 17.22 -28.51 2.91
C TYR B 106 16.80 -27.05 2.75
N ILE B 107 17.48 -26.16 3.46
CA ILE B 107 17.16 -24.73 3.44
C ILE B 107 17.13 -24.14 2.01
N LYS B 108 18.10 -24.51 1.18
CA LYS B 108 18.05 -24.07 -0.21
C LYS B 108 16.72 -24.51 -0.83
N GLU B 109 16.29 -25.74 -0.52
CA GLU B 109 15.01 -26.28 -1.00
C GLU B 109 13.80 -25.68 -0.26
N ARG B 110 14.05 -25.04 0.89
CA ARG B 110 12.99 -24.38 1.65
C ARG B 110 12.77 -22.99 1.09
N LYS B 111 13.79 -22.14 1.15
CA LYS B 111 13.68 -20.77 0.67
C LYS B 111 13.69 -20.69 -0.85
N ALA B 112 13.19 -21.75 -1.48
CA ALA B 112 12.97 -21.81 -2.93
C ALA B 112 11.47 -21.96 -3.09
N ILE B 113 10.85 -22.77 -2.22
CA ILE B 113 9.40 -22.96 -2.25
C ILE B 113 8.61 -21.70 -1.90
N MET B 114 9.07 -20.93 -0.90
CA MET B 114 8.48 -19.65 -0.48
C MET B 114 8.95 -18.56 -1.46
N SER B 115 10.20 -18.68 -1.88
CA SER B 115 10.72 -17.82 -2.91
C SER B 115 10.20 -18.37 -4.24
N HIS B 116 8.92 -18.68 -4.18
CA HIS B 116 8.12 -18.87 -5.35
C HIS B 116 6.73 -18.32 -4.97
N ILE B 117 6.01 -19.02 -4.10
CA ILE B 117 4.63 -18.65 -3.77
C ILE B 117 4.46 -17.22 -3.30
N ALA B 118 5.51 -16.61 -2.76
CA ALA B 118 5.38 -15.23 -2.35
C ALA B 118 5.82 -14.32 -3.50
N SER B 119 6.71 -14.82 -4.34
CA SER B 119 7.12 -14.02 -5.46
C SER B 119 5.89 -13.83 -6.30
N ASP B 120 5.05 -14.84 -6.33
CA ASP B 120 3.77 -14.71 -7.04
C ASP B 120 2.93 -13.69 -6.24
N MET B 121 2.39 -14.14 -5.13
CA MET B 121 1.57 -13.31 -4.27
C MET B 121 1.85 -11.82 -4.29
N THR B 122 3.02 -11.41 -4.78
CA THR B 122 3.37 -10.00 -4.72
C THR B 122 3.91 -9.43 -6.01
N SER B 123 3.88 -10.25 -7.07
CA SER B 123 4.49 -9.89 -8.36
C SER B 123 3.90 -8.65 -9.06
N ASP B 124 2.89 -8.07 -8.41
CA ASP B 124 2.12 -6.95 -8.94
C ASP B 124 2.29 -5.65 -8.19
N PHE B 125 3.27 -5.63 -7.29
CA PHE B 125 3.46 -4.50 -6.41
C PHE B 125 4.47 -3.41 -6.75
N ASP B 126 4.15 -2.24 -6.25
CA ASP B 126 5.00 -1.08 -6.31
C ASP B 126 6.15 -1.39 -5.35
N SER B 127 7.42 -1.29 -5.79
CA SER B 127 8.55 -1.47 -4.86
C SER B 127 8.70 -0.24 -3.92
N LYS B 128 8.55 0.95 -4.51
CA LYS B 128 8.55 2.24 -3.79
C LYS B 128 7.25 2.36 -2.96
N GLU B 129 6.88 1.25 -2.31
CA GLU B 129 5.62 1.15 -1.60
C GLU B 129 5.65 -0.19 -0.88
N ILE B 130 6.55 -1.06 -1.30
CA ILE B 130 6.73 -2.31 -0.59
C ILE B 130 7.95 -2.11 0.29
N GLU B 131 8.81 -1.16 -0.09
CA GLU B 131 9.93 -0.80 0.76
C GLU B 131 9.36 0.00 1.91
N LYS B 132 8.48 0.94 1.54
CA LYS B 132 7.80 1.77 2.52
C LYS B 132 7.05 0.90 3.51
N VAL B 133 7.01 -0.40 3.24
CA VAL B 133 6.44 -1.34 4.19
C VAL B 133 7.67 -1.95 4.89
N ARG B 134 8.59 -2.50 4.11
CA ARG B 134 9.78 -3.14 4.66
C ARG B 134 10.30 -2.24 5.72
N GLN B 135 10.44 -0.98 5.34
CA GLN B 135 11.02 -0.02 6.25
C GLN B 135 10.26 0.04 7.55
N VAL B 136 9.06 0.59 7.53
CA VAL B 136 8.28 0.64 8.76
C VAL B 136 8.46 -0.65 9.60
N LEU B 137 8.46 -1.82 8.95
CA LEU B 137 8.56 -3.11 9.65
C LEU B 137 9.96 -3.43 10.11
N GLU B 138 10.92 -2.66 9.60
CA GLU B 138 12.34 -2.74 9.99
C GLU B 138 12.53 -2.10 11.40
N ILE B 139 11.92 -0.92 11.55
CA ILE B 139 11.88 -0.11 12.76
C ILE B 139 11.17 -0.92 13.84
N ILE B 140 9.86 -1.13 13.66
CA ILE B 140 9.08 -1.85 14.65
C ILE B 140 9.81 -3.14 14.93
N ASP B 141 10.71 -3.50 14.03
CA ASP B 141 11.54 -4.66 14.22
C ASP B 141 12.66 -4.23 15.15
N TYR B 142 13.51 -3.35 14.64
CA TYR B 142 14.64 -2.79 15.40
C TYR B 142 14.20 -2.49 16.84
N ARG B 143 13.20 -1.64 16.97
CA ARG B 143 12.65 -1.38 18.28
C ARG B 143 12.45 -2.72 18.99
N ILE B 144 11.66 -3.61 18.41
CA ILE B 144 11.40 -4.91 19.02
C ILE B 144 12.67 -5.61 19.45
N GLN B 145 13.78 -5.26 18.81
CA GLN B 145 15.06 -5.85 19.18
C GLN B 145 15.74 -5.14 20.38
N SER B 146 15.81 -3.81 20.30
CA SER B 146 16.36 -3.02 21.40
C SER B 146 15.38 -2.99 22.58
N TYR B 147 14.46 -3.97 22.59
CA TYR B 147 13.54 -4.23 23.70
C TYR B 147 13.60 -5.74 23.97
N THR B 148 14.04 -6.50 22.98
CA THR B 148 14.28 -7.92 23.19
C THR B 148 15.71 -7.98 23.77
N SER B 149 16.21 -6.82 24.18
CA SER B 149 17.49 -6.71 24.85
C SER B 149 17.22 -6.44 26.34
N LYS B 150 16.53 -5.34 26.60
CA LYS B 150 16.19 -4.91 27.95
C LYS B 150 15.28 -5.91 28.67
N LEU B 151 14.35 -5.36 29.47
CA LEU B 151 13.39 -6.13 30.28
C LEU B 151 12.73 -7.32 29.54
N MET C 1 -0.30 -10.94 -22.02
CA MET C 1 -1.31 -10.96 -20.92
C MET C 1 -2.72 -10.66 -21.45
N VAL C 2 -3.30 -11.67 -22.12
CA VAL C 2 -4.67 -11.62 -22.67
C VAL C 2 -5.66 -12.33 -21.71
N ARG C 3 -5.09 -13.05 -20.74
CA ARG C 3 -5.82 -13.85 -19.75
C ARG C 3 -5.65 -13.29 -18.32
N ARG C 4 -5.03 -12.12 -18.24
CA ARG C 4 -4.82 -11.39 -16.98
C ARG C 4 -6.19 -10.87 -16.57
N ILE C 5 -6.87 -10.25 -17.53
CA ILE C 5 -8.19 -9.68 -17.31
C ILE C 5 -9.09 -10.70 -16.62
N GLU C 6 -9.23 -11.87 -17.22
CA GLU C 6 -10.13 -12.90 -16.72
C GLU C 6 -9.94 -13.14 -15.25
N ASP C 7 -8.81 -12.69 -14.73
CA ASP C 7 -8.57 -12.80 -13.30
C ASP C 7 -9.38 -11.74 -12.55
N HIS C 8 -9.34 -10.51 -13.07
CA HIS C 8 -10.06 -9.39 -12.48
C HIS C 8 -11.57 -9.50 -12.66
N ILE C 9 -12.01 -10.03 -13.79
CA ILE C 9 -13.42 -10.24 -14.06
C ILE C 9 -13.95 -11.22 -13.04
N SER C 10 -13.19 -12.31 -12.82
CA SER C 10 -13.59 -13.29 -11.82
C SER C 10 -13.46 -12.70 -10.40
N PHE C 11 -12.53 -11.77 -10.21
CA PHE C 11 -12.42 -11.09 -8.92
C PHE C 11 -13.60 -10.16 -8.80
N LEU C 12 -13.71 -9.26 -9.78
CA LEU C 12 -14.79 -8.27 -9.87
C LEU C 12 -16.09 -9.01 -9.62
N GLU C 13 -16.26 -10.11 -10.33
CA GLU C 13 -17.44 -10.93 -10.17
C GLU C 13 -17.54 -11.48 -8.72
N LYS C 14 -16.41 -11.85 -8.09
CA LYS C 14 -16.49 -12.32 -6.71
C LYS C 14 -16.94 -11.23 -5.77
N PHE C 15 -16.33 -10.08 -5.95
CA PHE C 15 -16.57 -8.87 -5.14
C PHE C 15 -18.06 -8.48 -4.99
N ILE C 16 -18.72 -8.27 -6.13
CA ILE C 16 -20.16 -7.98 -6.19
C ILE C 16 -20.91 -8.97 -5.31
N ASN C 17 -20.71 -10.25 -5.58
CA ASN C 17 -21.31 -11.30 -4.79
C ASN C 17 -21.18 -10.97 -3.30
N ASP C 18 -19.95 -10.70 -2.89
CA ASP C 18 -19.68 -10.43 -1.49
C ASP C 18 -20.31 -9.15 -0.94
N VAL C 19 -20.41 -8.11 -1.75
CA VAL C 19 -21.07 -6.90 -1.30
C VAL C 19 -22.58 -7.17 -1.33
N ASN C 20 -23.10 -7.66 -2.46
CA ASN C 20 -24.53 -7.97 -2.58
C ASN C 20 -25.07 -8.94 -1.53
N THR C 21 -24.19 -9.81 -1.03
CA THR C 21 -24.55 -10.66 0.08
C THR C 21 -24.62 -9.83 1.37
N LEU C 22 -23.53 -9.15 1.70
CA LEU C 22 -23.50 -8.34 2.91
C LEU C 22 -24.65 -7.34 2.85
N THR C 23 -24.71 -6.58 1.76
CA THR C 23 -25.74 -5.57 1.53
C THR C 23 -27.05 -6.08 2.08
N ALA C 24 -27.49 -7.25 1.61
CA ALA C 24 -28.79 -7.85 1.97
C ALA C 24 -28.93 -8.51 3.37
N LYS C 25 -27.87 -9.20 3.82
CA LYS C 25 -27.83 -9.89 5.14
C LYS C 25 -27.81 -8.86 6.23
N LEU C 26 -27.05 -7.81 5.99
CA LEU C 26 -26.97 -6.71 6.92
C LEU C 26 -28.24 -5.88 6.80
N LEU C 27 -28.96 -6.01 5.68
CA LEU C 27 -30.18 -5.24 5.57
C LEU C 27 -31.47 -5.99 5.78
N LYS C 28 -31.37 -7.23 6.25
CA LYS C 28 -32.56 -7.99 6.64
C LYS C 28 -33.31 -7.14 7.69
N ASP C 29 -32.52 -6.56 8.59
CA ASP C 29 -32.97 -5.60 9.60
C ASP C 29 -34.27 -4.87 9.19
N LEU C 30 -34.12 -3.73 8.51
CA LEU C 30 -35.26 -2.95 8.03
C LEU C 30 -35.92 -3.58 6.80
N GLN C 31 -35.42 -4.73 6.34
CA GLN C 31 -36.04 -5.38 5.18
C GLN C 31 -37.28 -6.16 5.63
N THR C 32 -37.52 -6.16 6.96
CA THR C 32 -38.77 -6.69 7.54
C THR C 32 -39.55 -5.57 8.28
N GLU C 33 -38.85 -4.70 9.00
CA GLU C 33 -39.51 -3.59 9.72
C GLU C 33 -40.11 -2.56 8.75
N TYR C 34 -40.06 -2.90 7.46
CA TYR C 34 -40.68 -2.11 6.37
C TYR C 34 -41.41 -3.13 5.49
N GLY C 35 -41.05 -4.40 5.71
CA GLY C 35 -41.74 -5.54 5.11
C GLY C 35 -41.55 -5.85 3.66
N ILE C 36 -40.32 -6.18 3.27
CA ILE C 36 -40.06 -6.52 1.88
C ILE C 36 -39.14 -7.71 1.67
N SER C 37 -38.95 -8.03 0.39
CA SER C 37 -38.10 -9.13 -0.04
C SER C 37 -36.65 -8.68 -0.11
N ALA C 38 -35.74 -9.62 0.17
CA ALA C 38 -34.32 -9.33 0.14
C ALA C 38 -33.88 -8.73 -1.20
N GLU C 39 -34.71 -8.89 -2.25
CA GLU C 39 -34.42 -8.35 -3.60
C GLU C 39 -35.40 -7.30 -4.16
N GLN C 40 -36.55 -7.11 -3.51
CA GLN C 40 -37.50 -6.06 -3.89
C GLN C 40 -36.83 -4.74 -3.57
N SER C 41 -35.88 -4.84 -2.65
CA SER C 41 -35.10 -3.71 -2.17
C SER C 41 -34.37 -3.05 -3.32
N HIS C 42 -33.48 -3.80 -3.99
CA HIS C 42 -32.69 -3.30 -5.11
C HIS C 42 -33.55 -2.66 -6.23
N VAL C 43 -34.85 -2.92 -6.20
CA VAL C 43 -35.77 -2.30 -7.14
C VAL C 43 -35.98 -0.91 -6.63
N LEU C 44 -36.17 -0.82 -5.33
CA LEU C 44 -36.36 0.48 -4.71
C LEU C 44 -35.16 1.37 -4.97
N ASN C 45 -33.96 0.80 -4.92
CA ASN C 45 -32.79 1.60 -5.21
C ASN C 45 -33.00 2.47 -6.44
N MET C 46 -33.26 1.82 -7.58
CA MET C 46 -33.40 2.52 -8.87
C MET C 46 -34.35 3.72 -8.90
N LEU C 47 -35.57 3.55 -8.39
CA LEU C 47 -36.54 4.65 -8.38
C LEU C 47 -36.10 5.70 -7.40
N SER C 48 -35.17 5.32 -6.53
CA SER C 48 -34.62 6.21 -5.51
C SER C 48 -33.73 7.25 -6.15
N ILE C 49 -33.06 6.85 -7.22
CA ILE C 49 -32.21 7.81 -7.92
C ILE C 49 -33.12 8.72 -8.76
N GLU C 50 -33.97 8.14 -9.62
CA GLU C 50 -35.00 8.94 -10.34
C GLU C 50 -36.22 8.16 -10.89
N ALA C 51 -37.30 8.93 -11.05
CA ALA C 51 -38.61 8.44 -11.50
C ALA C 51 -38.67 7.98 -12.95
N LEU C 52 -38.52 6.68 -13.16
CA LEU C 52 -38.62 6.06 -14.49
C LEU C 52 -39.70 4.97 -14.50
N THR C 53 -40.54 4.91 -15.54
CA THR C 53 -41.63 3.91 -15.62
C THR C 53 -41.17 2.48 -15.95
N VAL C 54 -42.12 1.52 -15.90
CA VAL C 54 -41.82 0.07 -15.97
C VAL C 54 -41.06 -0.47 -17.18
N GLY C 55 -41.21 0.18 -18.34
CA GLY C 55 -40.52 -0.25 -19.55
C GLY C 55 -39.01 0.05 -19.54
N GLN C 56 -38.66 1.21 -19.00
CA GLN C 56 -37.25 1.59 -18.90
C GLN C 56 -36.59 0.66 -17.89
N ILE C 57 -37.31 0.38 -16.81
CA ILE C 57 -36.84 -0.53 -15.75
C ILE C 57 -36.81 -1.97 -16.23
N THR C 58 -37.66 -2.27 -17.22
CA THR C 58 -37.71 -3.61 -17.80
C THR C 58 -36.32 -4.00 -18.31
N GLU C 59 -35.77 -3.17 -19.18
CA GLU C 59 -34.47 -3.43 -19.83
C GLU C 59 -33.34 -3.67 -18.82
N LYS C 60 -33.48 -3.09 -17.63
CA LYS C 60 -32.49 -3.20 -16.57
C LYS C 60 -32.38 -4.63 -16.01
N GLN C 61 -33.49 -5.38 -16.05
CA GLN C 61 -33.47 -6.76 -15.56
C GLN C 61 -34.17 -7.77 -16.50
N GLY C 62 -35.23 -8.43 -16.03
CA GLY C 62 -35.92 -9.46 -16.82
C GLY C 62 -37.21 -9.05 -17.51
N VAL C 63 -37.57 -9.77 -18.58
CA VAL C 63 -38.77 -9.50 -19.37
C VAL C 63 -40.06 -10.06 -18.73
N ASN C 64 -40.64 -9.30 -17.81
CA ASN C 64 -41.89 -9.69 -17.18
C ASN C 64 -42.97 -8.63 -17.38
N LYS C 65 -44.22 -9.08 -17.58
CA LYS C 65 -45.33 -8.14 -17.74
C LYS C 65 -46.40 -8.26 -16.64
N ALA C 66 -46.85 -9.48 -16.32
CA ALA C 66 -47.78 -9.67 -15.19
C ALA C 66 -47.01 -10.21 -13.97
N ALA C 67 -45.68 -10.12 -14.05
CA ALA C 67 -44.75 -10.59 -13.01
C ALA C 67 -43.82 -9.49 -12.46
N VAL C 68 -43.19 -8.68 -13.31
CA VAL C 68 -42.33 -7.62 -12.80
C VAL C 68 -43.12 -6.35 -12.51
N SER C 69 -44.40 -6.37 -12.86
CA SER C 69 -45.26 -5.28 -12.39
C SER C 69 -45.88 -5.82 -11.08
N ARG C 70 -45.88 -7.15 -10.91
CA ARG C 70 -46.35 -7.80 -9.66
C ARG C 70 -45.17 -7.72 -8.67
N ARG C 71 -44.04 -7.24 -9.20
CA ARG C 71 -42.83 -6.98 -8.43
C ARG C 71 -43.02 -5.51 -7.95
N VAL C 72 -43.59 -4.69 -8.83
CA VAL C 72 -43.95 -3.31 -8.51
C VAL C 72 -45.19 -3.33 -7.59
N LYS C 73 -46.16 -4.19 -7.93
CA LYS C 73 -47.41 -4.26 -7.21
C LYS C 73 -47.21 -4.30 -5.70
N LYS C 74 -46.57 -5.34 -5.16
CA LYS C 74 -46.38 -5.46 -3.71
C LYS C 74 -45.78 -4.20 -3.09
N LEU C 75 -45.10 -3.40 -3.92
CA LEU C 75 -44.56 -2.12 -3.48
C LEU C 75 -45.70 -1.11 -3.38
N LEU C 76 -46.34 -0.82 -4.50
CA LEU C 76 -47.50 0.10 -4.51
C LEU C 76 -48.56 -0.38 -3.52
N ASN C 77 -48.75 -1.70 -3.47
CA ASN C 77 -49.72 -2.34 -2.58
C ASN C 77 -49.31 -2.21 -1.10
N ALA C 78 -48.15 -1.62 -0.86
CA ALA C 78 -47.75 -1.28 0.50
C ALA C 78 -47.92 0.24 0.57
N GLU C 79 -47.12 0.89 1.41
CA GLU C 79 -47.00 2.35 1.32
C GLU C 79 -45.84 2.36 0.30
N LEU C 80 -44.75 3.07 0.55
CA LEU C 80 -43.56 3.02 -0.33
C LEU C 80 -43.76 2.87 -1.85
N VAL C 81 -43.41 3.91 -2.60
CA VAL C 81 -43.56 3.93 -4.05
C VAL C 81 -44.99 4.23 -4.46
N LYS C 82 -45.17 5.21 -5.34
CA LYS C 82 -46.50 5.56 -5.84
C LYS C 82 -46.40 5.69 -7.36
N LEU C 83 -47.53 5.54 -8.06
CA LEU C 83 -47.57 5.62 -9.52
C LEU C 83 -47.30 7.01 -10.09
N GLU C 84 -48.32 7.66 -10.63
CA GLU C 84 -48.15 8.98 -11.26
C GLU C 84 -48.33 10.18 -10.32
N LYS C 85 -47.92 11.36 -10.79
CA LYS C 85 -47.98 12.64 -10.05
C LYS C 85 -49.44 13.05 -9.77
N PRO C 86 -49.71 14.38 -9.68
CA PRO C 86 -51.12 14.80 -9.53
C PRO C 86 -51.61 15.19 -10.96
N ASP C 87 -51.77 14.18 -11.84
CA ASP C 87 -52.16 14.43 -13.25
C ASP C 87 -53.48 13.81 -13.51
N SER C 88 -53.73 13.56 -14.80
CA SER C 88 -54.97 13.02 -15.21
C SER C 88 -54.93 12.30 -16.58
N ASN C 89 -54.55 11.04 -16.55
CA ASN C 89 -54.50 10.16 -17.75
C ASN C 89 -54.59 8.65 -17.35
N THR C 90 -55.61 7.93 -17.85
CA THR C 90 -55.80 6.49 -17.52
C THR C 90 -55.00 5.50 -18.41
N ASP C 91 -53.79 5.23 -17.94
CA ASP C 91 -52.81 4.37 -18.61
C ASP C 91 -52.03 3.65 -17.48
N GLN C 92 -50.95 2.93 -17.83
CA GLN C 92 -50.07 2.27 -16.84
C GLN C 92 -48.65 2.16 -17.42
N ARG C 93 -48.56 2.30 -18.74
CA ARG C 93 -47.27 2.39 -19.42
C ARG C 93 -46.75 3.79 -19.06
N LEU C 94 -47.68 4.77 -19.06
CA LEU C 94 -47.39 6.15 -18.64
C LEU C 94 -46.79 6.07 -17.23
N LYS C 95 -47.67 5.83 -16.25
CA LYS C 95 -47.31 5.65 -14.83
C LYS C 95 -45.81 5.76 -14.50
N ILE C 96 -45.33 7.00 -14.34
CA ILE C 96 -43.91 7.27 -14.05
C ILE C 96 -43.67 7.22 -12.52
N ILE C 97 -43.34 6.04 -12.01
CA ILE C 97 -43.24 5.78 -10.58
C ILE C 97 -42.29 6.64 -9.70
N LYS C 98 -42.90 7.47 -8.86
CA LYS C 98 -42.19 8.34 -7.93
C LYS C 98 -41.88 7.54 -6.64
N LEU C 99 -41.85 8.21 -5.48
CA LEU C 99 -41.62 7.57 -4.17
C LEU C 99 -42.51 8.11 -3.05
N SER C 100 -42.89 7.22 -2.15
CA SER C 100 -43.77 7.54 -1.06
C SER C 100 -43.03 8.24 0.07
N ASN C 101 -43.76 8.88 0.98
CA ASN C 101 -43.17 9.50 2.19
C ASN C 101 -42.30 8.44 2.94
N LYS C 102 -42.94 7.45 3.56
CA LYS C 102 -42.24 6.36 4.24
C LYS C 102 -41.40 5.54 3.26
N GLY C 103 -41.72 5.67 1.97
CA GLY C 103 -40.95 5.01 0.91
C GLY C 103 -39.55 5.58 0.99
N LYS C 104 -39.46 6.88 0.71
CA LYS C 104 -38.21 7.60 0.87
C LYS C 104 -37.61 7.25 2.25
N LYS C 105 -38.42 7.29 3.31
CA LYS C 105 -37.92 7.02 4.67
C LYS C 105 -37.15 5.71 4.73
N TYR C 106 -37.37 4.87 3.73
CA TYR C 106 -36.65 3.63 3.64
C TYR C 106 -35.28 3.96 3.11
N ILE C 107 -35.24 4.49 1.89
CA ILE C 107 -34.01 4.91 1.21
C ILE C 107 -33.04 5.61 2.14
N LYS C 108 -33.57 6.30 3.15
CA LYS C 108 -32.78 7.01 4.18
C LYS C 108 -32.36 6.12 5.40
N GLU C 109 -33.32 5.47 6.06
CA GLU C 109 -32.98 4.63 7.18
C GLU C 109 -32.10 3.49 6.69
N ARG C 110 -32.33 3.05 5.45
CA ARG C 110 -31.51 2.02 4.78
C ARG C 110 -30.11 2.55 4.59
N LYS C 111 -30.00 3.63 3.82
CA LYS C 111 -28.76 4.32 3.52
C LYS C 111 -27.92 4.48 4.80
N ALA C 112 -28.51 5.15 5.78
CA ALA C 112 -27.84 5.38 7.06
C ALA C 112 -26.98 4.19 7.44
N ILE C 113 -27.63 3.04 7.55
CA ILE C 113 -27.02 1.77 7.91
C ILE C 113 -25.83 1.53 7.01
N MET C 114 -26.14 1.21 5.78
CA MET C 114 -25.17 0.89 4.77
C MET C 114 -24.10 1.97 4.69
N SER C 115 -24.51 3.22 4.58
CA SER C 115 -23.52 4.29 4.45
C SER C 115 -22.62 4.40 5.66
N HIS C 116 -23.19 4.24 6.85
CA HIS C 116 -22.37 4.27 8.06
C HIS C 116 -21.31 3.14 8.00
N ILE C 117 -21.72 1.86 8.01
CA ILE C 117 -20.73 0.77 8.05
C ILE C 117 -19.67 0.89 6.98
N ALA C 118 -20.07 1.35 5.81
CA ALA C 118 -19.10 1.57 4.77
C ALA C 118 -18.00 2.44 5.39
N SER C 119 -18.40 3.56 5.97
CA SER C 119 -17.46 4.51 6.58
C SER C 119 -16.43 3.87 7.51
N ASP C 120 -16.88 3.36 8.64
CA ASP C 120 -15.95 2.76 9.60
C ASP C 120 -15.00 1.69 9.01
N MET C 121 -15.27 1.28 7.78
CA MET C 121 -14.49 0.24 7.13
C MET C 121 -13.53 0.81 6.11
N THR C 122 -13.94 1.90 5.49
CA THR C 122 -13.10 2.59 4.54
C THR C 122 -12.38 3.76 5.23
N SER C 123 -12.79 4.04 6.45
CA SER C 123 -12.29 5.17 7.21
C SER C 123 -10.85 5.52 6.96
N ASP C 124 -10.08 4.56 6.47
CA ASP C 124 -8.67 4.77 6.49
C ASP C 124 -7.78 4.90 5.28
N PHE C 125 -8.33 4.79 4.09
CA PHE C 125 -7.51 5.06 2.92
C PHE C 125 -7.44 6.58 2.79
N ASP C 126 -6.35 7.08 2.23
CA ASP C 126 -6.23 8.51 1.95
C ASP C 126 -7.16 8.79 0.77
N SER C 127 -7.80 9.96 0.76
CA SER C 127 -8.80 10.25 -0.26
C SER C 127 -8.36 10.03 -1.72
N LYS C 128 -7.26 10.65 -2.14
CA LYS C 128 -6.79 10.51 -3.54
C LYS C 128 -6.71 9.08 -4.08
N GLU C 129 -6.78 8.08 -3.18
CA GLU C 129 -6.77 6.67 -3.60
C GLU C 129 -8.21 6.26 -3.93
N ILE C 130 -9.12 6.47 -3.01
CA ILE C 130 -10.52 6.21 -3.26
C ILE C 130 -10.99 7.07 -4.45
N GLU C 131 -10.58 8.34 -4.46
CA GLU C 131 -10.88 9.25 -5.57
C GLU C 131 -10.33 8.57 -6.86
N LYS C 132 -9.02 8.60 -7.07
CA LYS C 132 -8.41 7.90 -8.21
C LYS C 132 -8.82 6.43 -8.34
N VAL C 133 -9.64 5.92 -7.43
CA VAL C 133 -10.18 4.57 -7.57
C VAL C 133 -11.64 4.67 -8.03
N ARG C 134 -12.40 5.48 -7.32
CA ARG C 134 -13.75 5.73 -7.72
C ARG C 134 -13.73 6.14 -9.20
N GLN C 135 -12.78 6.96 -9.62
CA GLN C 135 -12.78 7.47 -10.99
C GLN C 135 -12.75 6.40 -12.05
N VAL C 136 -11.68 5.65 -12.08
CA VAL C 136 -11.53 4.60 -13.09
C VAL C 136 -12.88 3.85 -13.17
N LEU C 137 -13.42 3.49 -12.04
CA LEU C 137 -14.68 2.81 -12.05
C LEU C 137 -15.76 3.65 -12.71
N GLU C 138 -15.47 4.92 -12.95
CA GLU C 138 -16.45 5.69 -13.66
C GLU C 138 -16.13 5.39 -15.12
N ILE C 139 -14.95 5.75 -15.59
CA ILE C 139 -14.60 5.46 -16.96
C ILE C 139 -15.12 4.06 -17.34
N ILE C 140 -14.82 3.05 -16.53
CA ILE C 140 -15.35 1.74 -16.83
C ILE C 140 -16.87 1.82 -16.84
N ASP C 141 -17.48 2.32 -15.76
CA ASP C 141 -18.94 2.39 -15.69
C ASP C 141 -19.56 3.23 -16.77
N TYR C 142 -18.80 4.14 -17.37
CA TYR C 142 -19.32 4.99 -18.45
C TYR C 142 -19.15 4.29 -19.78
N ARG C 143 -17.97 3.68 -19.95
CA ARG C 143 -17.66 2.97 -21.17
C ARG C 143 -18.56 1.74 -21.29
N ILE C 144 -19.24 1.38 -20.20
CA ILE C 144 -20.23 0.32 -20.24
C ILE C 144 -21.56 0.95 -20.56
N GLN C 145 -21.94 1.99 -19.84
CA GLN C 145 -23.27 2.57 -19.97
C GLN C 145 -23.68 2.81 -21.42
N SER C 146 -22.69 3.17 -22.25
CA SER C 146 -22.88 3.39 -23.68
C SER C 146 -23.14 2.03 -24.32
N TYR C 147 -22.18 1.13 -24.11
CA TYR C 147 -22.25 -0.24 -24.59
C TYR C 147 -23.47 -1.00 -24.02
N THR C 148 -24.32 -0.27 -23.29
CA THR C 148 -25.58 -0.79 -22.77
C THR C 148 -26.71 -0.04 -23.50
N SER C 149 -26.51 1.25 -23.72
CA SER C 149 -27.53 2.05 -24.39
C SER C 149 -27.47 1.85 -25.91
N LYS C 150 -26.32 1.38 -26.39
CA LYS C 150 -26.15 1.03 -27.79
C LYS C 150 -27.09 -0.14 -28.07
N LEU C 151 -27.70 -0.17 -29.26
CA LEU C 151 -28.62 -1.24 -29.65
C LEU C 151 -28.28 -2.52 -28.87
N MET D 1 -13.17 10.66 4.77
CA MET D 1 -14.12 11.80 4.53
C MET D 1 -15.58 11.48 4.89
N VAL D 2 -15.93 12.05 6.05
CA VAL D 2 -17.19 11.94 6.77
C VAL D 2 -18.51 11.72 6.01
N ARG D 3 -18.69 12.45 4.91
CA ARG D 3 -19.90 12.36 4.11
C ARG D 3 -19.61 12.29 2.60
N ARG D 4 -18.37 11.94 2.25
CA ARG D 4 -18.00 11.76 0.85
C ARG D 4 -18.62 10.45 0.48
N ILE D 5 -18.52 9.51 1.40
CA ILE D 5 -19.09 8.17 1.29
C ILE D 5 -20.44 8.12 0.55
N GLU D 6 -21.45 8.81 1.06
CA GLU D 6 -22.78 8.85 0.44
C GLU D 6 -22.69 8.81 -1.07
N ASP D 7 -21.87 9.68 -1.64
CA ASP D 7 -21.63 9.66 -3.06
C ASP D 7 -21.20 8.23 -3.45
N HIS D 8 -20.07 7.78 -2.93
CA HIS D 8 -19.48 6.49 -3.29
C HIS D 8 -20.32 5.26 -3.14
N ILE D 9 -20.80 5.03 -1.94
CA ILE D 9 -21.64 3.87 -1.70
C ILE D 9 -22.67 3.72 -2.83
N SER D 10 -23.26 4.86 -3.25
CA SER D 10 -24.28 4.85 -4.32
C SER D 10 -23.63 4.54 -5.67
N PHE D 11 -22.42 5.06 -5.94
CA PHE D 11 -21.76 4.75 -7.22
C PHE D 11 -21.59 3.24 -7.38
N LEU D 12 -20.98 2.61 -6.37
CA LEU D 12 -20.78 1.16 -6.32
C LEU D 12 -22.12 0.57 -6.62
N GLU D 13 -23.04 0.85 -5.71
CA GLU D 13 -24.42 0.48 -5.81
C GLU D 13 -24.99 0.63 -7.25
N LYS D 14 -24.55 1.64 -7.99
CA LYS D 14 -25.03 1.84 -9.36
C LYS D 14 -24.27 0.90 -10.29
N PHE D 15 -22.95 1.10 -10.34
CA PHE D 15 -22.06 0.25 -11.14
C PHE D 15 -22.50 -1.22 -11.03
N ILE D 16 -22.88 -1.64 -9.83
CA ILE D 16 -23.25 -3.03 -9.59
C ILE D 16 -24.32 -3.55 -10.54
N ASN D 17 -25.42 -2.82 -10.69
CA ASN D 17 -26.45 -3.28 -11.64
C ASN D 17 -26.06 -2.84 -13.04
N ASP D 18 -25.44 -1.67 -13.15
CA ASP D 18 -24.97 -1.22 -14.45
C ASP D 18 -24.03 -2.27 -15.12
N VAL D 19 -23.49 -3.16 -14.27
CA VAL D 19 -22.64 -4.29 -14.68
C VAL D 19 -23.54 -5.53 -14.70
N ASN D 20 -24.49 -5.59 -13.75
CA ASN D 20 -25.48 -6.66 -13.74
C ASN D 20 -26.32 -6.57 -14.99
N THR D 21 -26.72 -5.36 -15.34
CA THR D 21 -27.62 -5.16 -16.47
C THR D 21 -26.97 -5.30 -17.85
N LEU D 22 -25.68 -5.65 -17.88
CA LEU D 22 -24.94 -5.81 -19.14
C LEU D 22 -24.63 -7.25 -19.29
N THR D 23 -23.90 -7.75 -18.31
CA THR D 23 -23.60 -9.15 -18.26
C THR D 23 -24.92 -9.84 -18.54
N ALA D 24 -25.93 -9.51 -17.73
CA ALA D 24 -27.26 -10.09 -17.85
C ALA D 24 -27.75 -10.02 -19.26
N LYS D 25 -27.85 -8.80 -19.78
CA LYS D 25 -28.43 -8.63 -21.08
C LYS D 25 -27.67 -9.29 -22.21
N LEU D 26 -26.39 -9.56 -22.04
CA LEU D 26 -25.61 -10.18 -23.14
C LEU D 26 -25.27 -11.67 -22.99
N LEU D 27 -25.41 -12.20 -21.78
CA LEU D 27 -25.21 -13.63 -21.54
C LEU D 27 -26.55 -14.30 -21.84
N LYS D 28 -27.57 -13.47 -22.02
CA LYS D 28 -28.91 -13.86 -22.43
C LYS D 28 -28.88 -15.14 -23.27
N ASP D 29 -27.98 -15.18 -24.25
CA ASP D 29 -27.89 -16.31 -25.17
C ASP D 29 -27.60 -17.61 -24.48
N LEU D 30 -26.43 -17.70 -23.85
CA LEU D 30 -26.04 -18.89 -23.11
C LEU D 30 -27.11 -19.25 -22.09
N GLN D 31 -27.72 -18.25 -21.50
CA GLN D 31 -28.77 -18.51 -20.53
C GLN D 31 -29.87 -19.39 -21.11
N THR D 32 -30.10 -19.27 -22.42
CA THR D 32 -31.20 -19.96 -23.15
C THR D 32 -30.76 -20.88 -24.28
N GLU D 33 -29.45 -21.06 -24.39
CA GLU D 33 -28.89 -22.08 -25.26
C GLU D 33 -28.91 -23.26 -24.31
N TYR D 34 -28.40 -23.01 -23.11
CA TYR D 34 -28.35 -24.04 -22.08
C TYR D 34 -29.70 -24.25 -21.40
N GLY D 35 -30.52 -23.20 -21.35
CA GLY D 35 -31.84 -23.32 -20.76
C GLY D 35 -31.87 -23.13 -19.26
N ILE D 36 -31.07 -22.17 -18.80
CA ILE D 36 -31.03 -21.78 -17.39
C ILE D 36 -31.67 -20.41 -17.18
N SER D 37 -32.19 -20.22 -15.99
CA SER D 37 -32.79 -18.96 -15.60
C SER D 37 -31.87 -17.76 -15.77
N ALA D 38 -32.49 -16.62 -16.09
CA ALA D 38 -31.78 -15.34 -16.15
C ALA D 38 -31.19 -15.11 -14.75
N GLU D 39 -31.71 -15.87 -13.78
CA GLU D 39 -31.29 -15.80 -12.38
C GLU D 39 -30.36 -16.96 -11.97
N GLN D 40 -30.15 -17.88 -12.89
CA GLN D 40 -29.29 -19.01 -12.61
C GLN D 40 -27.89 -18.94 -13.26
N SER D 41 -27.67 -17.88 -14.04
CA SER D 41 -26.33 -17.53 -14.58
C SER D 41 -25.45 -17.07 -13.40
N HIS D 42 -26.05 -17.10 -12.21
CA HIS D 42 -25.35 -16.70 -11.02
C HIS D 42 -25.12 -17.93 -10.17
N VAL D 43 -26.19 -18.69 -9.91
CA VAL D 43 -26.14 -19.85 -9.03
C VAL D 43 -25.12 -20.87 -9.50
N LEU D 44 -24.49 -20.58 -10.63
CA LEU D 44 -23.42 -21.39 -11.19
C LEU D 44 -22.05 -20.72 -11.00
N ASN D 45 -21.97 -19.41 -11.28
CA ASN D 45 -20.73 -18.63 -11.13
C ASN D 45 -20.22 -18.72 -9.70
N MET D 46 -21.16 -18.81 -8.78
CA MET D 46 -20.87 -19.00 -7.38
C MET D 46 -20.18 -20.34 -7.27
N LEU D 47 -20.71 -21.32 -8.00
CA LEU D 47 -20.19 -22.68 -8.01
C LEU D 47 -18.93 -22.77 -8.88
N SER D 48 -18.60 -21.67 -9.56
CA SER D 48 -17.38 -21.58 -10.36
C SER D 48 -16.23 -21.18 -9.44
N ILE D 49 -16.58 -20.92 -8.18
CA ILE D 49 -15.61 -20.56 -7.16
C ILE D 49 -15.62 -21.57 -6.01
N GLU D 50 -16.78 -21.86 -5.43
CA GLU D 50 -16.87 -22.79 -4.30
C GLU D 50 -17.85 -23.95 -4.54
N ALA D 51 -17.70 -25.03 -3.78
CA ALA D 51 -18.64 -26.16 -3.85
C ALA D 51 -19.51 -26.20 -2.58
N LEU D 52 -19.75 -25.03 -2.01
CA LEU D 52 -20.51 -24.89 -0.76
C LEU D 52 -21.94 -25.39 -0.89
N THR D 53 -22.32 -26.27 0.03
CA THR D 53 -23.63 -26.92 0.06
C THR D 53 -24.82 -25.98 0.04
N VAL D 54 -26.03 -26.55 -0.03
CA VAL D 54 -27.25 -25.75 -0.04
C VAL D 54 -27.52 -25.14 1.34
N GLY D 55 -27.03 -25.82 2.39
CA GLY D 55 -27.09 -25.23 3.73
C GLY D 55 -26.26 -23.95 3.72
N GLN D 56 -25.14 -23.97 2.97
CA GLN D 56 -24.29 -22.80 2.80
C GLN D 56 -24.91 -21.82 1.80
N ILE D 57 -25.47 -22.35 0.71
CA ILE D 57 -26.12 -21.50 -0.29
C ILE D 57 -27.04 -20.55 0.46
N THR D 58 -27.90 -21.11 1.29
CA THR D 58 -28.92 -20.35 2.02
C THR D 58 -28.42 -19.07 2.63
N GLU D 59 -27.17 -19.05 3.06
CA GLU D 59 -26.59 -17.83 3.58
C GLU D 59 -26.29 -16.86 2.44
N LYS D 60 -25.48 -17.31 1.50
CA LYS D 60 -24.95 -16.45 0.44
C LYS D 60 -25.93 -15.95 -0.61
N GLN D 61 -27.21 -15.81 -0.27
CA GLN D 61 -28.20 -15.46 -1.30
C GLN D 61 -29.50 -14.76 -0.88
N GLY D 62 -30.22 -15.37 0.07
CA GLY D 62 -31.51 -14.84 0.54
C GLY D 62 -32.24 -15.86 1.39
N VAL D 63 -33.13 -15.40 2.28
CA VAL D 63 -33.92 -16.29 3.16
C VAL D 63 -34.75 -17.26 2.30
N ASN D 64 -34.05 -18.22 1.72
CA ASN D 64 -34.65 -19.18 0.81
C ASN D 64 -34.10 -20.62 0.96
N LYS D 65 -34.61 -21.29 2.00
CA LYS D 65 -34.33 -22.69 2.25
C LYS D 65 -34.64 -23.51 0.97
N ALA D 66 -35.94 -23.68 0.69
CA ALA D 66 -36.42 -24.45 -0.47
C ALA D 66 -36.68 -23.64 -1.74
N ALA D 67 -36.77 -22.31 -1.61
CA ALA D 67 -37.00 -21.42 -2.76
C ALA D 67 -35.71 -21.32 -3.57
N VAL D 68 -34.62 -21.80 -2.98
CA VAL D 68 -33.36 -21.89 -3.68
C VAL D 68 -33.08 -23.40 -3.84
N SER D 69 -33.64 -24.21 -2.93
CA SER D 69 -33.49 -25.68 -2.96
C SER D 69 -33.97 -26.20 -4.31
N ARG D 70 -35.23 -25.93 -4.61
CA ARG D 70 -35.85 -26.26 -5.88
C ARG D 70 -35.07 -25.70 -7.08
N ARG D 71 -34.43 -24.54 -6.89
CA ARG D 71 -33.64 -23.90 -7.93
C ARG D 71 -32.44 -24.78 -8.32
N VAL D 72 -31.79 -25.36 -7.31
CA VAL D 72 -30.64 -26.23 -7.55
C VAL D 72 -31.07 -27.52 -8.25
N LYS D 73 -32.23 -28.03 -7.87
CA LYS D 73 -32.79 -29.25 -8.49
C LYS D 73 -32.82 -29.03 -9.99
N LYS D 74 -33.45 -27.93 -10.39
CA LYS D 74 -33.58 -27.61 -11.78
C LYS D 74 -32.20 -27.62 -12.45
N LEU D 75 -31.15 -27.43 -11.64
CA LEU D 75 -29.77 -27.38 -12.14
C LEU D 75 -29.18 -28.77 -12.22
N LEU D 76 -29.41 -29.51 -11.15
CA LEU D 76 -28.94 -30.87 -11.06
C LEU D 76 -29.41 -31.61 -12.32
N ASN D 77 -30.71 -31.56 -12.59
CA ASN D 77 -31.30 -32.23 -13.76
C ASN D 77 -30.80 -31.68 -15.09
N ALA D 78 -30.98 -30.38 -15.33
CA ALA D 78 -30.57 -29.73 -16.59
C ALA D 78 -29.09 -29.95 -16.88
N GLU D 79 -28.50 -30.85 -16.09
CA GLU D 79 -27.19 -31.46 -16.31
C GLU D 79 -25.90 -30.69 -16.00
N LEU D 80 -26.03 -29.48 -15.43
CA LEU D 80 -24.87 -28.61 -15.23
C LEU D 80 -24.20 -28.59 -13.87
N VAL D 81 -24.68 -29.38 -12.94
CA VAL D 81 -24.08 -29.45 -11.62
C VAL D 81 -24.22 -30.86 -11.07
N LYS D 82 -23.31 -31.26 -10.17
CA LYS D 82 -23.37 -32.58 -9.55
C LYS D 82 -23.04 -32.53 -8.05
N LEU D 83 -23.95 -33.02 -7.21
CA LEU D 83 -23.67 -33.13 -5.78
C LEU D 83 -22.43 -34.03 -5.67
N GLU D 84 -21.78 -34.08 -4.50
CA GLU D 84 -20.53 -34.83 -4.33
C GLU D 84 -20.61 -36.36 -4.54
N LYS D 85 -19.79 -36.89 -5.46
CA LYS D 85 -19.65 -38.35 -5.73
C LYS D 85 -20.86 -39.06 -6.42
N PRO D 86 -20.82 -40.41 -6.55
CA PRO D 86 -21.92 -41.19 -7.17
C PRO D 86 -22.81 -42.09 -6.24
N ASP D 87 -23.50 -41.52 -5.24
CA ASP D 87 -24.36 -42.31 -4.33
C ASP D 87 -25.82 -41.88 -4.44
N SER D 88 -26.69 -42.86 -4.67
CA SER D 88 -28.12 -42.62 -4.82
C SER D 88 -28.80 -42.29 -3.48
N ASN D 89 -29.83 -41.46 -3.58
CA ASN D 89 -30.69 -41.03 -2.47
C ASN D 89 -31.55 -39.81 -2.85
N THR D 90 -32.51 -39.46 -1.99
CA THR D 90 -33.31 -38.24 -2.18
C THR D 90 -33.24 -37.45 -0.85
N ASP D 91 -32.05 -36.86 -0.63
CA ASP D 91 -31.69 -36.10 0.60
C ASP D 91 -31.27 -34.64 0.23
N GLN D 92 -31.44 -33.70 1.17
CA GLN D 92 -31.14 -32.28 0.88
C GLN D 92 -29.87 -31.64 1.44
N ARG D 93 -29.60 -31.76 2.75
CA ARG D 93 -28.38 -31.16 3.34
C ARG D 93 -27.32 -32.18 3.80
N LEU D 94 -27.45 -33.39 3.27
CA LEU D 94 -26.45 -34.46 3.45
C LEU D 94 -25.56 -34.39 2.17
N LYS D 95 -26.13 -33.79 1.13
CA LYS D 95 -25.49 -33.64 -0.18
C LYS D 95 -24.77 -32.31 -0.42
N ILE D 96 -23.44 -32.40 -0.42
CA ILE D 96 -22.55 -31.28 -0.75
C ILE D 96 -22.68 -31.20 -2.29
N ILE D 97 -22.91 -29.99 -2.79
CA ILE D 97 -23.21 -29.78 -4.19
C ILE D 97 -22.08 -29.12 -4.99
N LYS D 98 -21.46 -29.91 -5.86
CA LYS D 98 -20.37 -29.38 -6.66
C LYS D 98 -20.77 -29.27 -8.13
N LEU D 99 -19.96 -28.56 -8.91
CA LEU D 99 -20.24 -28.37 -10.32
C LEU D 99 -20.13 -29.70 -11.07
N SER D 100 -20.63 -29.72 -12.31
CA SER D 100 -20.48 -30.90 -13.17
C SER D 100 -19.49 -30.59 -14.30
N ASN D 101 -19.30 -31.54 -15.19
CA ASN D 101 -18.35 -31.36 -16.27
C ASN D 101 -18.84 -30.37 -17.33
N LYS D 102 -20.09 -30.52 -17.78
CA LYS D 102 -20.64 -29.65 -18.79
C LYS D 102 -20.88 -28.28 -18.17
N GLY D 103 -21.15 -28.28 -16.85
CA GLY D 103 -21.38 -27.04 -16.14
C GLY D 103 -20.22 -26.11 -16.41
N LYS D 104 -19.01 -26.69 -16.42
CA LYS D 104 -17.77 -25.94 -16.71
C LYS D 104 -17.68 -25.45 -18.16
N LYS D 105 -18.11 -26.28 -19.11
CA LYS D 105 -18.10 -25.87 -20.51
C LYS D 105 -18.73 -24.51 -20.57
N TYR D 106 -19.97 -24.41 -20.08
CA TYR D 106 -20.68 -23.13 -20.09
C TYR D 106 -19.93 -22.01 -19.38
N ILE D 107 -19.49 -22.30 -18.16
CA ILE D 107 -18.84 -21.31 -17.31
C ILE D 107 -17.57 -20.77 -17.97
N LYS D 108 -16.96 -21.60 -18.82
CA LYS D 108 -15.79 -21.18 -19.59
C LYS D 108 -16.25 -20.24 -20.70
N GLU D 109 -17.39 -20.59 -21.30
CA GLU D 109 -18.04 -19.77 -22.32
C GLU D 109 -18.43 -18.41 -21.70
N ARG D 110 -19.10 -18.46 -20.55
CA ARG D 110 -19.46 -17.25 -19.79
C ARG D 110 -18.22 -16.39 -19.63
N LYS D 111 -17.28 -16.88 -18.82
CA LYS D 111 -16.04 -16.16 -18.57
C LYS D 111 -15.42 -15.65 -19.88
N ALA D 112 -15.52 -16.46 -20.92
CA ALA D 112 -14.98 -16.12 -22.23
C ALA D 112 -15.58 -14.84 -22.80
N ILE D 113 -16.91 -14.75 -22.75
CA ILE D 113 -17.60 -13.59 -23.32
C ILE D 113 -17.30 -12.33 -22.52
N MET D 114 -17.34 -12.48 -21.21
CA MET D 114 -17.09 -11.42 -20.27
C MET D 114 -15.75 -10.82 -20.54
N SER D 115 -14.76 -11.68 -20.52
CA SER D 115 -13.43 -11.27 -20.85
C SER D 115 -13.57 -10.35 -22.07
N HIS D 116 -13.74 -10.95 -23.25
CA HIS D 116 -13.85 -10.23 -24.53
C HIS D 116 -14.28 -8.76 -24.35
N ILE D 117 -15.50 -8.53 -23.87
CA ILE D 117 -15.93 -7.15 -23.68
C ILE D 117 -15.03 -6.53 -22.65
N ALA D 118 -15.21 -6.95 -21.40
CA ALA D 118 -14.47 -6.33 -20.31
C ALA D 118 -13.05 -6.00 -20.73
N SER D 119 -12.30 -7.03 -21.10
CA SER D 119 -10.91 -6.82 -21.48
C SER D 119 -10.78 -5.65 -22.43
N ASP D 120 -11.81 -5.41 -23.22
CA ASP D 120 -11.73 -4.37 -24.21
C ASP D 120 -12.35 -3.05 -23.79
N MET D 121 -12.89 -3.02 -22.58
CA MET D 121 -13.38 -1.79 -21.95
C MET D 121 -12.15 -1.15 -21.21
N THR D 122 -11.15 -2.01 -20.94
CA THR D 122 -9.93 -1.69 -20.20
C THR D 122 -8.72 -1.33 -21.07
N SER D 123 -8.51 -2.13 -22.13
CA SER D 123 -7.43 -1.96 -23.10
C SER D 123 -6.44 -0.80 -22.95
N ASP D 124 -6.94 0.42 -23.09
CA ASP D 124 -6.09 1.60 -23.10
C ASP D 124 -5.62 2.09 -21.74
N PHE D 125 -6.06 1.46 -20.66
CA PHE D 125 -5.62 1.88 -19.33
C PHE D 125 -4.18 1.48 -19.04
N ASP D 126 -3.46 2.31 -18.28
CA ASP D 126 -2.11 1.97 -17.78
C ASP D 126 -2.35 0.89 -16.71
N SER D 127 -2.01 -0.37 -17.05
CA SER D 127 -2.28 -1.53 -16.18
C SER D 127 -2.00 -1.29 -14.69
N LYS D 128 -0.86 -0.66 -14.44
CA LYS D 128 -0.43 -0.33 -13.10
C LYS D 128 -1.51 0.39 -12.30
N GLU D 129 -2.31 1.21 -12.97
CA GLU D 129 -3.38 1.95 -12.31
C GLU D 129 -4.55 1.02 -12.04
N ILE D 130 -4.93 0.23 -13.02
CA ILE D 130 -6.03 -0.70 -12.80
C ILE D 130 -5.70 -1.79 -11.76
N GLU D 131 -4.42 -2.00 -11.48
CA GLU D 131 -4.01 -2.92 -10.44
C GLU D 131 -4.32 -2.27 -9.11
N LYS D 132 -3.78 -1.08 -8.86
CA LYS D 132 -4.12 -0.38 -7.64
C LYS D 132 -5.63 -0.67 -7.43
N VAL D 133 -6.45 -0.37 -8.45
CA VAL D 133 -7.89 -0.58 -8.36
C VAL D 133 -8.25 -1.97 -7.86
N ARG D 134 -7.58 -2.96 -8.43
CA ARG D 134 -7.72 -4.35 -8.06
C ARG D 134 -7.42 -4.52 -6.57
N GLN D 135 -6.22 -4.13 -6.13
CA GLN D 135 -5.86 -4.23 -4.71
C GLN D 135 -6.72 -3.32 -3.86
N VAL D 136 -6.68 -2.03 -4.12
CA VAL D 136 -7.53 -1.10 -3.38
C VAL D 136 -8.84 -1.85 -3.14
N LEU D 137 -9.44 -2.31 -4.23
CA LEU D 137 -10.67 -3.06 -4.19
C LEU D 137 -10.48 -4.31 -3.37
N GLU D 138 -9.40 -5.03 -3.68
CA GLU D 138 -9.12 -6.27 -2.96
C GLU D 138 -9.36 -5.99 -1.49
N ILE D 139 -8.52 -5.14 -0.92
CA ILE D 139 -8.63 -4.78 0.49
C ILE D 139 -10.07 -4.79 0.95
N ILE D 140 -10.92 -4.03 0.26
CA ILE D 140 -12.28 -3.84 0.69
C ILE D 140 -12.99 -5.15 1.00
N ASP D 141 -12.60 -6.22 0.28
CA ASP D 141 -13.27 -7.54 0.40
C ASP D 141 -12.99 -8.31 1.70
N TYR D 142 -11.71 -8.36 2.02
CA TYR D 142 -11.23 -8.94 3.25
C TYR D 142 -12.11 -8.51 4.47
N ARG D 143 -12.19 -7.21 4.66
CA ARG D 143 -12.88 -6.60 5.79
C ARG D 143 -14.34 -6.93 5.87
N ILE D 144 -14.90 -7.34 4.74
CA ILE D 144 -16.28 -7.77 4.62
C ILE D 144 -16.20 -9.24 4.93
N GLN D 145 -15.34 -9.93 4.17
CA GLN D 145 -15.12 -11.35 4.33
C GLN D 145 -15.18 -11.68 5.80
N SER D 146 -14.65 -10.77 6.62
CA SER D 146 -14.63 -10.96 8.05
C SER D 146 -15.90 -10.49 8.74
N TYR D 147 -16.55 -9.46 8.21
CA TYR D 147 -17.78 -8.98 8.84
C TYR D 147 -18.82 -10.05 8.69
N THR D 148 -19.25 -10.25 7.45
CA THR D 148 -20.19 -11.29 7.11
C THR D 148 -19.92 -12.48 8.04
N SER D 149 -18.65 -12.89 8.10
CA SER D 149 -18.23 -13.98 8.98
C SER D 149 -18.58 -13.71 10.44
N LYS D 150 -18.11 -12.60 10.99
CA LYS D 150 -18.43 -12.29 12.39
C LYS D 150 -19.94 -12.22 12.60
N LEU D 151 -20.58 -11.27 11.92
CA LEU D 151 -22.04 -11.09 11.96
C LEU D 151 -22.56 -10.61 10.59
N MET E 1 24.96 15.18 22.68
CA MET E 1 24.01 15.31 21.54
C MET E 1 24.18 16.68 20.93
N VAL E 2 24.23 17.68 21.82
CA VAL E 2 24.27 19.12 21.45
C VAL E 2 25.07 19.48 20.19
N ARG E 3 26.29 18.95 20.06
CA ARG E 3 27.14 19.25 18.91
C ARG E 3 27.71 17.97 18.30
N ARG E 4 26.97 16.87 18.43
CA ARG E 4 27.42 15.59 17.87
C ARG E 4 26.91 15.46 16.44
N ILE E 5 25.73 16.01 16.19
CA ILE E 5 25.18 15.95 14.85
C ILE E 5 25.99 16.79 13.86
N GLU E 6 26.25 18.05 14.21
CA GLU E 6 27.01 18.99 13.36
C GLU E 6 28.17 18.35 12.59
N ASP E 7 28.70 17.25 13.11
CA ASP E 7 29.84 16.57 12.50
C ASP E 7 29.39 15.33 11.73
N HIS E 8 28.27 14.72 12.13
CA HIS E 8 27.68 13.61 11.35
C HIS E 8 27.27 14.13 9.97
N ILE E 9 27.06 15.44 9.91
CA ILE E 9 26.74 16.14 8.69
C ILE E 9 28.01 16.20 7.84
N SER E 10 28.97 17.03 8.25
CA SER E 10 30.26 17.17 7.57
C SER E 10 30.72 15.81 7.06
N PHE E 11 30.36 14.78 7.82
CA PHE E 11 30.70 13.43 7.44
C PHE E 11 29.82 12.87 6.35
N LEU E 12 28.51 13.03 6.47
CA LEU E 12 27.66 12.49 5.42
C LEU E 12 28.06 13.18 4.14
N GLU E 13 27.85 14.49 4.04
CA GLU E 13 28.23 15.18 2.79
C GLU E 13 29.67 14.94 2.33
N LYS E 14 30.55 14.57 3.24
CA LYS E 14 31.87 14.19 2.79
C LYS E 14 31.62 12.84 2.11
N PHE E 15 31.47 11.79 2.90
CA PHE E 15 31.29 10.41 2.42
C PHE E 15 30.59 10.29 1.09
N ILE E 16 29.45 10.97 1.00
CA ILE E 16 28.73 11.11 -0.24
C ILE E 16 29.79 11.43 -1.31
N ASN E 17 30.41 12.61 -1.24
CA ASN E 17 31.40 13.01 -2.26
C ASN E 17 32.51 12.02 -2.50
N ASP E 18 32.89 11.28 -1.48
CA ASP E 18 33.96 10.32 -1.67
C ASP E 18 33.46 9.23 -2.60
N VAL E 19 32.22 8.80 -2.40
CA VAL E 19 31.62 7.81 -3.28
C VAL E 19 31.52 8.46 -4.64
N ASN E 20 31.17 9.74 -4.65
CA ASN E 20 31.05 10.55 -5.87
C ASN E 20 32.29 10.46 -6.69
N THR E 21 33.22 11.34 -6.38
CA THR E 21 34.51 11.31 -7.01
C THR E 21 34.92 9.92 -7.53
N LEU E 22 34.76 8.93 -6.67
CA LEU E 22 35.13 7.56 -6.99
C LEU E 22 34.32 7.15 -8.19
N THR E 23 33.00 7.06 -7.97
CA THR E 23 32.03 6.73 -9.00
C THR E 23 32.47 7.24 -10.37
N ALA E 24 32.69 8.55 -10.48
CA ALA E 24 33.07 9.19 -11.75
C ALA E 24 34.57 9.27 -12.10
N LYS E 25 35.38 8.51 -11.36
CA LYS E 25 36.80 8.44 -11.65
C LYS E 25 37.00 7.08 -12.25
N LEU E 26 36.37 6.08 -11.64
CA LEU E 26 36.51 4.72 -12.11
C LEU E 26 35.41 4.33 -13.08
N LEU E 27 34.87 5.33 -13.76
CA LEU E 27 33.87 5.10 -14.80
C LEU E 27 34.22 5.74 -16.17
N LYS E 28 34.83 6.94 -16.19
CA LYS E 28 35.25 7.62 -17.46
C LYS E 28 35.78 6.65 -18.54
N ASP E 29 36.45 5.61 -18.10
CA ASP E 29 36.90 4.49 -18.93
C ASP E 29 35.69 4.07 -19.78
N LEU E 30 34.62 3.65 -19.12
CA LEU E 30 33.35 3.25 -19.73
C LEU E 30 32.56 4.44 -20.26
N GLN E 31 32.91 5.62 -19.75
CA GLN E 31 32.27 6.89 -20.09
C GLN E 31 32.92 7.61 -21.26
N THR E 32 33.87 6.95 -21.91
CA THR E 32 34.47 7.52 -23.10
C THR E 32 34.19 6.57 -24.25
N GLU E 33 34.12 5.27 -23.95
CA GLU E 33 33.84 4.23 -24.94
C GLU E 33 32.43 4.39 -25.51
N TYR E 34 31.46 4.74 -24.65
CA TYR E 34 30.09 5.03 -25.08
C TYR E 34 30.00 6.49 -25.57
N GLY E 35 30.78 7.36 -24.91
CA GLY E 35 30.94 8.77 -25.30
C GLY E 35 30.09 9.75 -24.53
N ILE E 36 30.16 9.71 -23.21
CA ILE E 36 29.26 10.50 -22.36
C ILE E 36 29.90 11.08 -21.09
N SER E 37 29.61 12.36 -20.79
CA SER E 37 30.15 13.02 -19.58
C SER E 37 29.30 12.73 -18.33
N ALA E 38 29.94 12.85 -17.17
CA ALA E 38 29.31 12.54 -15.88
C ALA E 38 27.94 13.15 -15.63
N GLU E 39 27.50 14.02 -16.54
CA GLU E 39 26.16 14.63 -16.48
C GLU E 39 25.17 13.66 -17.13
N GLN E 40 25.27 13.55 -18.44
CA GLN E 40 24.40 12.68 -19.22
C GLN E 40 24.54 11.24 -18.77
N SER E 41 25.76 10.83 -18.42
CA SER E 41 25.96 9.49 -17.95
C SER E 41 25.21 9.32 -16.64
N HIS E 42 25.09 10.41 -15.90
CA HIS E 42 24.48 10.37 -14.58
C HIS E 42 22.97 10.25 -14.63
N VAL E 43 22.36 10.44 -15.79
CA VAL E 43 20.91 10.32 -15.91
C VAL E 43 20.43 8.97 -16.45
N LEU E 44 21.27 8.32 -17.25
CA LEU E 44 20.97 7.00 -17.82
C LEU E 44 20.96 5.97 -16.70
N ASN E 45 21.89 6.13 -15.78
CA ASN E 45 21.99 5.27 -14.62
C ASN E 45 20.91 5.62 -13.58
N MET E 46 20.30 6.78 -13.73
CA MET E 46 19.20 7.13 -12.86
C MET E 46 18.00 6.43 -13.48
N LEU E 47 17.92 6.48 -14.79
CA LEU E 47 16.80 5.91 -15.50
C LEU E 47 16.64 4.48 -15.16
N SER E 48 17.62 3.70 -15.59
CA SER E 48 17.65 2.27 -15.38
C SER E 48 16.38 1.68 -14.75
N ILE E 49 16.15 2.01 -13.48
CA ILE E 49 15.09 1.40 -12.65
C ILE E 49 13.69 1.32 -13.23
N GLU E 50 13.03 2.46 -13.44
CA GLU E 50 11.69 2.43 -14.02
C GLU E 50 11.73 3.21 -15.34
N ALA E 51 10.57 3.33 -15.99
CA ALA E 51 10.46 4.12 -17.20
C ALA E 51 10.13 5.57 -16.80
N LEU E 52 10.71 6.53 -17.53
CA LEU E 52 10.56 7.94 -17.22
C LEU E 52 10.22 8.81 -18.42
N THR E 53 9.30 9.76 -18.24
CA THR E 53 8.95 10.75 -19.27
C THR E 53 9.96 11.85 -19.07
N VAL E 54 10.10 12.77 -20.01
CA VAL E 54 11.12 13.83 -19.85
C VAL E 54 10.96 14.60 -18.54
N GLY E 55 9.88 15.35 -18.42
CA GLY E 55 9.66 16.17 -17.22
C GLY E 55 9.25 15.41 -15.96
N GLN E 56 9.55 14.12 -15.93
CA GLN E 56 9.29 13.29 -14.76
C GLN E 56 10.65 13.18 -14.08
N ILE E 57 11.68 13.12 -14.92
CA ILE E 57 13.08 13.04 -14.49
C ILE E 57 13.51 14.32 -13.79
N THR E 58 13.38 15.44 -14.51
CA THR E 58 13.80 16.74 -14.00
C THR E 58 13.16 17.21 -12.69
N GLU E 59 11.96 16.72 -12.38
CA GLU E 59 11.26 17.09 -11.15
C GLU E 59 11.91 16.42 -9.95
N LYS E 60 13.24 16.45 -9.92
CA LYS E 60 14.05 15.83 -8.88
C LYS E 60 15.50 16.22 -9.16
N GLN E 61 15.72 16.62 -10.42
CA GLN E 61 17.02 17.03 -10.93
C GLN E 61 17.25 18.52 -10.70
N GLY E 62 16.18 19.29 -10.88
CA GLY E 62 16.23 20.74 -10.75
C GLY E 62 15.44 21.43 -11.86
N VAL E 63 15.12 22.73 -11.67
CA VAL E 63 14.36 23.53 -12.65
C VAL E 63 15.23 23.94 -13.86
N ASN E 64 15.73 22.92 -14.57
CA ASN E 64 16.62 23.11 -15.73
C ASN E 64 15.98 22.71 -17.06
N LYS E 65 14.66 22.89 -17.12
CA LYS E 65 13.81 22.59 -18.27
C LYS E 65 14.44 22.41 -19.66
N ALA E 66 15.09 23.45 -20.16
CA ALA E 66 15.59 23.49 -21.53
C ALA E 66 16.83 22.65 -21.84
N ALA E 67 17.85 22.73 -20.97
CA ALA E 67 19.13 22.04 -21.20
C ALA E 67 19.26 20.66 -20.57
N VAL E 68 18.19 20.19 -19.92
CA VAL E 68 18.12 18.81 -19.44
C VAL E 68 17.45 18.01 -20.58
N SER E 69 16.57 18.67 -21.32
CA SER E 69 15.92 18.08 -22.48
C SER E 69 16.96 17.98 -23.60
N ARG E 70 17.74 19.06 -23.78
CA ARG E 70 18.88 19.05 -24.72
C ARG E 70 19.84 17.89 -24.39
N ARG E 71 20.19 17.76 -23.11
CA ARG E 71 21.05 16.68 -22.66
C ARG E 71 20.35 15.34 -22.68
N VAL E 72 19.02 15.35 -22.79
CA VAL E 72 18.28 14.12 -22.91
C VAL E 72 18.16 13.84 -24.41
N LYS E 73 18.42 14.87 -25.21
CA LYS E 73 18.36 14.74 -26.66
C LYS E 73 19.52 13.91 -27.24
N LYS E 74 20.73 14.14 -26.74
CA LYS E 74 21.91 13.42 -27.24
C LYS E 74 21.89 11.95 -26.89
N LEU E 75 21.33 11.60 -25.73
CA LEU E 75 21.24 10.20 -25.26
C LEU E 75 20.47 9.30 -26.24
N LEU E 76 19.84 9.93 -27.22
CA LEU E 76 19.09 9.23 -28.25
C LEU E 76 19.96 9.18 -29.51
N ASN E 77 20.76 10.22 -29.70
CA ASN E 77 21.66 10.36 -30.86
C ASN E 77 22.95 9.50 -30.73
N ALA E 78 23.02 8.71 -29.67
CA ALA E 78 24.13 7.79 -29.42
C ALA E 78 23.62 6.35 -29.23
N GLU E 79 22.33 6.16 -29.50
CA GLU E 79 21.62 4.88 -29.41
C GLU E 79 21.55 4.28 -28.01
N LEU E 80 21.74 5.11 -27.00
CA LEU E 80 21.70 4.67 -25.61
C LEU E 80 20.28 4.53 -25.09
N VAL E 81 19.39 5.40 -25.50
CA VAL E 81 18.04 5.31 -24.99
C VAL E 81 16.98 5.81 -26.00
N LYS E 82 15.80 5.15 -26.01
CA LYS E 82 14.76 5.47 -27.00
C LYS E 82 13.41 5.88 -26.44
N LEU E 83 12.53 6.29 -27.37
CA LEU E 83 11.19 6.85 -27.09
C LEU E 83 10.09 5.81 -26.85
N GLU E 84 8.96 6.26 -26.30
CA GLU E 84 7.86 5.41 -25.81
C GLU E 84 7.30 4.31 -26.69
N LYS E 85 5.97 4.28 -26.76
CA LYS E 85 5.22 3.39 -27.65
C LYS E 85 5.28 4.06 -29.04
N PRO E 86 5.49 3.25 -30.09
CA PRO E 86 5.61 3.60 -31.51
C PRO E 86 5.80 5.06 -31.98
N ASP E 87 4.86 5.54 -32.81
CA ASP E 87 5.01 6.83 -33.51
C ASP E 87 5.09 8.10 -32.66
N SER E 88 5.85 9.07 -33.18
CA SER E 88 6.08 10.34 -32.49
C SER E 88 5.73 11.58 -33.32
N ASN E 89 4.76 12.35 -32.84
CA ASN E 89 4.43 13.63 -33.47
C ASN E 89 5.06 14.77 -32.61
N THR E 90 4.45 15.96 -32.56
CA THR E 90 5.02 17.07 -31.77
C THR E 90 4.96 16.86 -30.26
N ASP E 91 3.91 16.19 -29.77
CA ASP E 91 3.77 15.96 -28.35
C ASP E 91 4.70 14.87 -27.83
N GLN E 92 5.91 15.33 -27.48
CA GLN E 92 6.94 14.51 -26.86
C GLN E 92 6.88 14.89 -25.38
N ARG E 93 5.67 14.95 -24.85
CA ARG E 93 5.45 15.33 -23.47
C ARG E 93 4.75 14.21 -22.71
N LEU E 94 4.69 13.04 -23.36
CA LEU E 94 4.09 11.85 -22.79
C LEU E 94 5.14 10.78 -22.97
N LYS E 95 6.14 11.09 -23.80
CA LYS E 95 7.20 10.14 -24.16
C LYS E 95 7.85 9.39 -23.00
N ILE E 96 7.41 8.14 -22.82
CA ILE E 96 7.89 7.22 -21.80
C ILE E 96 9.27 6.65 -22.22
N ILE E 97 10.34 7.40 -21.96
CA ILE E 97 11.67 6.95 -22.35
C ILE E 97 11.96 5.65 -21.64
N LYS E 98 12.38 4.64 -22.38
CA LYS E 98 12.72 3.34 -21.78
C LYS E 98 14.23 3.21 -21.60
N LEU E 99 14.84 2.11 -22.04
CA LEU E 99 16.31 1.99 -22.03
C LEU E 99 16.70 1.05 -23.16
N SER E 100 17.35 1.62 -24.17
CA SER E 100 17.76 0.87 -25.33
C SER E 100 18.72 -0.23 -24.93
N ASN E 101 18.57 -1.41 -25.50
CA ASN E 101 19.48 -2.54 -25.22
C ASN E 101 20.96 -2.24 -25.57
N LYS E 102 21.19 -1.00 -26.03
CA LYS E 102 22.54 -0.47 -26.32
C LYS E 102 23.03 0.29 -25.06
N GLY E 103 22.10 0.96 -24.40
CA GLY E 103 22.39 1.62 -23.14
C GLY E 103 22.22 0.59 -22.04
N LYS E 104 21.47 -0.47 -22.31
CA LYS E 104 21.27 -1.54 -21.36
C LYS E 104 22.64 -2.12 -21.04
N LYS E 105 23.39 -2.46 -22.08
CA LYS E 105 24.74 -3.02 -21.94
C LYS E 105 25.57 -2.19 -20.95
N TYR E 106 25.81 -0.92 -21.31
CA TYR E 106 26.55 0.05 -20.49
C TYR E 106 26.19 0.04 -19.02
N ILE E 107 24.91 0.00 -18.74
CA ILE E 107 24.47 0.07 -17.38
C ILE E 107 24.94 -1.10 -16.54
N LYS E 108 24.98 -2.28 -17.13
CA LYS E 108 25.43 -3.44 -16.37
C LYS E 108 26.95 -3.45 -16.27
N GLU E 109 27.60 -2.60 -17.07
CA GLU E 109 29.05 -2.49 -17.04
C GLU E 109 29.43 -1.54 -15.94
N ARG E 110 28.54 -0.63 -15.57
CA ARG E 110 28.76 0.19 -14.37
C ARG E 110 28.62 -0.77 -13.17
N LYS E 111 27.55 -1.58 -13.15
CA LYS E 111 27.28 -2.47 -12.01
C LYS E 111 28.14 -3.74 -11.91
N ALA E 112 29.40 -3.61 -12.34
CA ALA E 112 30.41 -4.66 -12.26
C ALA E 112 31.78 -4.00 -12.25
N ILE E 113 31.75 -2.65 -12.22
CA ILE E 113 32.92 -1.77 -12.00
C ILE E 113 32.76 -1.24 -10.56
N MET E 114 31.72 -0.45 -10.31
CA MET E 114 31.40 0.00 -8.97
C MET E 114 31.11 -1.22 -8.11
N SER E 115 30.47 -2.24 -8.66
CA SER E 115 30.24 -3.44 -7.87
C SER E 115 31.49 -4.31 -7.77
N HIS E 116 32.49 -4.09 -8.63
CA HIS E 116 33.74 -4.83 -8.48
C HIS E 116 34.46 -4.42 -7.19
N ILE E 117 34.93 -3.18 -7.17
CA ILE E 117 35.68 -2.62 -6.07
C ILE E 117 34.91 -2.72 -4.76
N ALA E 118 33.59 -2.70 -4.84
CA ALA E 118 32.77 -2.82 -3.67
C ALA E 118 33.12 -4.09 -2.91
N SER E 119 33.02 -5.23 -3.60
CA SER E 119 33.35 -6.53 -3.00
C SER E 119 34.72 -6.48 -2.30
N ASP E 120 35.63 -5.67 -2.84
CA ASP E 120 36.93 -5.44 -2.22
C ASP E 120 36.73 -4.77 -0.85
N MET E 121 36.15 -3.58 -0.89
CA MET E 121 36.00 -2.74 0.29
C MET E 121 35.21 -3.31 1.44
N THR E 122 34.80 -4.57 1.31
CA THR E 122 34.03 -5.23 2.39
C THR E 122 34.46 -6.67 2.63
N SER E 123 35.37 -7.15 1.79
CA SER E 123 35.86 -8.53 1.84
C SER E 123 36.52 -8.94 3.15
N ASP E 124 36.18 -8.24 4.23
CA ASP E 124 36.82 -8.43 5.53
C ASP E 124 35.93 -8.04 6.73
N PHE E 125 34.69 -7.65 6.49
CA PHE E 125 33.82 -7.22 7.58
C PHE E 125 32.92 -8.29 8.15
N ASP E 126 32.46 -8.06 9.37
CA ASP E 126 31.48 -8.93 10.03
C ASP E 126 30.16 -8.54 9.38
N SER E 127 29.33 -9.53 9.03
CA SER E 127 28.05 -9.29 8.33
C SER E 127 26.96 -8.79 9.25
N LYS E 128 26.90 -9.39 10.43
CA LYS E 128 25.93 -8.98 11.43
C LYS E 128 26.36 -7.57 11.90
N GLU E 129 27.24 -6.96 11.12
CA GLU E 129 27.75 -5.62 11.39
C GLU E 129 27.29 -4.69 10.26
N ILE E 130 27.19 -5.25 9.06
CA ILE E 130 26.79 -4.47 7.89
C ILE E 130 25.27 -4.40 7.82
N GLU E 131 24.61 -5.50 8.17
CA GLU E 131 23.16 -5.46 8.20
C GLU E 131 22.68 -4.44 9.22
N LYS E 132 23.46 -4.29 10.29
CA LYS E 132 23.13 -3.30 11.35
C LYS E 132 23.21 -1.88 10.76
N VAL E 133 24.35 -1.57 10.12
CA VAL E 133 24.55 -0.31 9.39
C VAL E 133 23.42 -0.17 8.36
N ARG E 134 23.11 -1.28 7.69
CA ARG E 134 22.02 -1.33 6.74
C ARG E 134 20.70 -0.97 7.43
N GLN E 135 20.30 -1.81 8.37
CA GLN E 135 19.06 -1.57 9.11
C GLN E 135 18.91 -0.09 9.49
N VAL E 136 19.97 0.46 10.08
CA VAL E 136 20.09 1.87 10.49
C VAL E 136 19.94 2.78 9.27
N LEU E 137 20.79 2.58 8.25
CA LEU E 137 20.66 3.38 7.05
C LEU E 137 19.26 3.26 6.43
N GLU E 138 18.51 2.26 6.87
CA GLU E 138 17.14 2.14 6.43
C GLU E 138 16.27 3.18 7.17
N ILE E 139 16.23 3.12 8.50
CA ILE E 139 15.43 4.08 9.31
C ILE E 139 15.78 5.54 9.06
N ILE E 140 16.95 5.80 8.46
CA ILE E 140 17.35 7.18 8.19
C ILE E 140 16.78 7.51 6.83
N ASP E 141 16.86 6.55 5.92
CA ASP E 141 16.30 6.76 4.59
C ASP E 141 14.83 7.06 4.71
N TYR E 142 14.10 6.19 5.40
CA TYR E 142 12.67 6.40 5.63
C TYR E 142 12.41 7.84 6.03
N ARG E 143 13.19 8.34 6.98
CA ARG E 143 13.02 9.69 7.51
C ARG E 143 13.52 10.72 6.52
N ILE E 144 14.52 10.37 5.72
CA ILE E 144 14.90 11.29 4.68
C ILE E 144 13.59 11.42 3.87
N GLN E 145 12.99 10.27 3.48
CA GLN E 145 11.74 10.23 2.71
C GLN E 145 10.57 10.87 3.45
N SER E 146 10.27 10.37 4.64
CA SER E 146 9.18 10.91 5.47
C SER E 146 9.22 12.42 5.55
N TYR E 147 10.42 12.99 5.44
CA TYR E 147 10.62 14.42 5.49
C TYR E 147 10.50 15.13 4.15
N THR E 148 10.77 14.39 3.08
CA THR E 148 10.67 14.96 1.74
C THR E 148 9.21 14.90 1.24
N SER E 149 8.28 14.79 2.19
CA SER E 149 6.85 14.84 1.88
C SER E 149 6.41 16.31 1.96
N LYS E 150 6.88 16.99 3.01
CA LYS E 150 6.53 18.37 3.30
C LYS E 150 7.31 19.42 2.51
N MET F 1 29.74 -13.93 -1.10
CA MET F 1 28.37 -13.39 -0.78
C MET F 1 27.63 -12.95 -2.07
N VAL F 2 26.84 -13.90 -2.61
CA VAL F 2 26.07 -13.79 -3.88
C VAL F 2 25.73 -12.38 -4.39
N ARG F 3 24.44 -12.03 -4.30
CA ARG F 3 23.98 -10.71 -4.71
C ARG F 3 23.80 -9.88 -3.45
N ARG F 4 24.85 -9.85 -2.64
CA ARG F 4 24.86 -9.04 -1.44
C ARG F 4 25.28 -7.62 -1.79
N ILE F 5 26.58 -7.37 -1.94
CA ILE F 5 26.98 -6.01 -2.22
C ILE F 5 26.09 -5.43 -3.34
N GLU F 6 25.74 -6.28 -4.30
CA GLU F 6 24.94 -5.86 -5.46
C GLU F 6 23.67 -5.08 -5.09
N ASP F 7 23.04 -5.42 -3.97
CA ASP F 7 21.85 -4.68 -3.53
C ASP F 7 22.20 -3.62 -2.51
N HIS F 8 23.36 -3.76 -1.90
CA HIS F 8 23.84 -2.78 -0.94
C HIS F 8 24.30 -1.57 -1.72
N ILE F 9 25.26 -1.79 -2.61
CA ILE F 9 25.79 -0.76 -3.49
C ILE F 9 24.67 0.20 -3.95
N SER F 10 23.62 -0.38 -4.52
CA SER F 10 22.48 0.35 -5.07
C SER F 10 21.75 1.07 -3.97
N PHE F 11 21.51 0.37 -2.86
CA PHE F 11 20.90 1.01 -1.70
C PHE F 11 21.71 2.29 -1.34
N LEU F 12 23.02 2.13 -1.15
CA LEU F 12 23.87 3.26 -0.90
C LEU F 12 23.56 4.26 -2.02
N GLU F 13 23.56 3.76 -3.26
CA GLU F 13 23.25 4.59 -4.46
C GLU F 13 21.94 5.33 -4.25
N LYS F 14 20.93 4.57 -3.89
CA LYS F 14 19.60 5.10 -3.67
C LYS F 14 19.64 6.21 -2.67
N PHE F 15 20.25 5.85 -1.53
CA PHE F 15 20.29 6.63 -0.29
C PHE F 15 20.90 7.98 -0.47
N ILE F 16 21.97 8.03 -1.26
CA ILE F 16 22.54 9.33 -1.60
C ILE F 16 21.41 10.19 -2.14
N ASN F 17 20.74 9.68 -3.17
CA ASN F 17 19.71 10.44 -3.87
C ASN F 17 18.56 10.94 -3.02
N ASP F 18 18.38 10.32 -1.86
CA ASP F 18 17.38 10.82 -0.92
C ASP F 18 18.00 12.09 -0.35
N VAL F 19 19.07 11.94 0.44
CA VAL F 19 19.78 13.07 1.04
C VAL F 19 19.83 14.19 0.01
N ASN F 20 20.17 13.81 -1.22
CA ASN F 20 20.26 14.74 -2.34
C ASN F 20 18.99 15.56 -2.49
N THR F 21 17.88 14.91 -2.81
CA THR F 21 16.63 15.62 -2.99
C THR F 21 16.42 16.52 -1.79
N LEU F 22 16.27 15.89 -0.63
CA LEU F 22 16.08 16.61 0.63
C LEU F 22 16.94 17.88 0.71
N THR F 23 18.25 17.71 0.66
CA THR F 23 19.14 18.85 0.75
C THR F 23 18.75 19.98 -0.23
N ALA F 24 18.08 19.61 -1.33
CA ALA F 24 17.69 20.59 -2.35
C ALA F 24 16.29 21.13 -2.10
N LYS F 25 15.32 20.25 -1.83
CA LYS F 25 13.95 20.68 -1.56
C LYS F 25 14.00 21.53 -0.30
N LEU F 26 14.88 21.14 0.62
CA LEU F 26 15.05 21.86 1.88
C LEU F 26 15.65 23.24 1.68
N LEU F 27 16.74 23.33 0.92
CA LEU F 27 17.43 24.60 0.72
C LEU F 27 16.84 25.48 -0.37
N LYS F 28 15.92 24.91 -1.14
CA LYS F 28 15.22 25.60 -2.21
C LYS F 28 14.72 26.98 -1.80
N ASP F 29 14.63 27.21 -0.49
CA ASP F 29 14.07 28.45 0.04
C ASP F 29 15.13 29.47 0.43
N LEU F 30 16.25 28.98 0.96
CA LEU F 30 17.38 29.86 1.31
C LEU F 30 18.29 30.07 0.09
N GLN F 31 18.44 29.01 -0.72
CA GLN F 31 19.18 29.07 -1.97
C GLN F 31 18.61 30.21 -2.80
N THR F 32 17.30 30.42 -2.63
CA THR F 32 16.57 31.39 -3.43
C THR F 32 16.25 32.69 -2.73
N GLU F 33 16.38 32.72 -1.40
CA GLU F 33 16.28 33.99 -0.67
C GLU F 33 17.63 34.70 -0.94
N TYR F 34 18.60 33.89 -1.37
CA TYR F 34 19.93 34.34 -1.74
C TYR F 34 20.11 34.24 -3.26
N GLY F 35 19.15 33.60 -3.92
CA GLY F 35 19.15 33.42 -5.36
C GLY F 35 20.42 32.79 -5.91
N ILE F 36 20.56 31.49 -5.71
CA ILE F 36 21.74 30.77 -6.18
C ILE F 36 21.43 29.41 -6.78
N SER F 37 22.29 28.96 -7.67
CA SER F 37 22.09 27.69 -8.36
C SER F 37 22.45 26.49 -7.50
N ALA F 38 21.91 25.34 -7.88
CA ALA F 38 22.06 24.08 -7.12
C ALA F 38 23.48 23.71 -6.83
N GLU F 39 24.27 23.61 -7.89
CA GLU F 39 25.68 23.26 -7.77
C GLU F 39 26.42 24.46 -7.14
N GLN F 40 25.85 25.66 -7.34
CA GLN F 40 26.42 26.90 -6.80
C GLN F 40 26.47 26.81 -5.29
N SER F 41 25.51 26.09 -4.73
CA SER F 41 25.52 25.78 -3.32
C SER F 41 26.68 24.80 -3.07
N HIS F 42 26.53 23.59 -3.60
CA HIS F 42 27.49 22.50 -3.42
C HIS F 42 28.94 22.94 -3.58
N VAL F 43 29.21 23.86 -4.49
CA VAL F 43 30.57 24.34 -4.65
C VAL F 43 31.01 25.06 -3.37
N LEU F 44 30.28 26.10 -2.98
CA LEU F 44 30.60 26.85 -1.77
C LEU F 44 30.88 25.89 -0.64
N ASN F 45 29.87 25.10 -0.34
CA ASN F 45 29.97 24.07 0.67
C ASN F 45 31.35 23.44 0.66
N MET F 46 31.92 23.19 -0.51
CA MET F 46 33.23 22.56 -0.57
C MET F 46 34.33 23.57 -0.29
N LEU F 47 34.21 24.74 -0.91
CA LEU F 47 35.18 25.82 -0.72
C LEU F 47 35.33 26.17 0.75
N SER F 48 34.22 26.09 1.47
CA SER F 48 34.21 26.34 2.91
C SER F 48 35.08 25.30 3.62
N ILE F 49 34.84 24.01 3.34
CA ILE F 49 35.63 22.95 3.96
C ILE F 49 37.12 23.26 3.80
N GLU F 50 37.61 23.43 2.57
CA GLU F 50 39.01 23.81 2.41
C GLU F 50 39.26 24.76 1.24
N ALA F 51 39.71 25.97 1.59
CA ALA F 51 40.00 27.04 0.64
C ALA F 51 41.14 26.63 -0.27
N LEU F 52 40.77 26.24 -1.50
CA LEU F 52 41.70 25.80 -2.54
C LEU F 52 41.42 26.51 -3.87
N THR F 53 42.38 26.39 -4.78
CA THR F 53 42.30 26.95 -6.13
C THR F 53 41.16 26.34 -6.96
N VAL F 54 40.61 27.13 -7.87
CA VAL F 54 39.63 26.64 -8.84
C VAL F 54 40.29 25.46 -9.54
N GLY F 55 41.61 25.36 -9.41
CA GLY F 55 42.40 24.26 -9.96
C GLY F 55 42.21 23.01 -9.12
N GLN F 56 42.49 23.11 -7.81
CA GLN F 56 42.32 22.01 -6.86
C GLN F 56 40.83 21.70 -6.61
N ILE F 57 39.98 22.68 -6.89
CA ILE F 57 38.53 22.53 -6.73
C ILE F 57 37.90 21.71 -7.86
N THR F 58 38.26 22.03 -9.10
CA THR F 58 37.67 21.43 -10.29
C THR F 58 37.77 19.91 -10.47
N GLU F 59 38.69 19.27 -9.74
CA GLU F 59 38.91 17.82 -9.91
C GLU F 59 38.02 16.88 -9.05
N LYS F 60 36.93 17.40 -8.51
CA LYS F 60 36.02 16.60 -7.66
C LYS F 60 34.66 16.26 -8.25
N GLN F 61 34.07 17.21 -8.97
CA GLN F 61 32.77 16.96 -9.60
C GLN F 61 32.90 16.08 -10.84
N GLY F 62 34.15 15.72 -11.17
CA GLY F 62 34.42 14.94 -12.37
C GLY F 62 34.75 15.91 -13.49
N VAL F 63 34.13 15.69 -14.66
CA VAL F 63 34.34 16.55 -15.83
C VAL F 63 33.51 17.85 -15.66
N ASN F 64 34.19 19.00 -15.71
CA ASN F 64 33.53 20.30 -15.53
C ASN F 64 34.14 21.49 -16.30
N LYS F 65 35.22 21.21 -17.03
CA LYS F 65 35.97 22.20 -17.83
C LYS F 65 35.68 23.68 -17.57
N ALA F 66 35.26 24.39 -18.63
CA ALA F 66 34.92 25.80 -18.57
C ALA F 66 33.44 26.00 -18.30
N ALA F 67 32.76 24.90 -17.91
CA ALA F 67 31.33 24.95 -17.61
C ALA F 67 31.10 25.26 -16.15
N VAL F 68 32.18 25.17 -15.37
CA VAL F 68 32.14 25.44 -13.93
C VAL F 68 33.11 26.59 -13.57
N SER F 69 34.12 26.79 -14.40
CA SER F 69 35.05 27.89 -14.20
C SER F 69 34.28 29.21 -14.26
N ARG F 70 33.01 29.11 -14.64
CA ARG F 70 32.13 30.26 -14.77
C ARG F 70 31.18 30.39 -13.59
N ARG F 71 30.93 29.28 -12.91
CA ARG F 71 30.02 29.28 -11.77
C ARG F 71 30.65 30.07 -10.61
N VAL F 72 31.94 30.35 -10.75
CA VAL F 72 32.71 31.16 -9.79
C VAL F 72 32.61 32.63 -10.22
N LYS F 73 32.53 32.86 -11.54
CA LYS F 73 32.35 34.20 -12.10
C LYS F 73 30.96 34.75 -11.76
N LYS F 74 30.03 33.81 -11.50
CA LYS F 74 28.66 34.14 -11.08
C LYS F 74 28.65 34.62 -9.61
N LEU F 75 29.42 33.93 -8.76
CA LEU F 75 29.49 34.26 -7.34
C LEU F 75 30.07 35.65 -7.10
N LEU F 76 31.26 35.88 -7.67
CA LEU F 76 32.02 37.13 -7.54
C LEU F 76 31.18 38.38 -7.88
N ASN F 77 30.33 38.25 -8.90
CA ASN F 77 29.41 39.33 -9.32
C ASN F 77 28.18 39.41 -8.39
N ALA F 78 27.93 38.34 -7.63
CA ALA F 78 26.78 38.25 -6.71
C ALA F 78 27.19 38.35 -5.23
N GLU F 79 28.34 38.99 -4.98
CA GLU F 79 28.88 39.25 -3.63
C GLU F 79 29.14 38.06 -2.71
N LEU F 80 29.12 36.85 -3.25
CA LEU F 80 29.32 35.66 -2.43
C LEU F 80 30.78 35.32 -2.18
N VAL F 81 31.41 34.59 -3.10
CA VAL F 81 32.79 34.15 -2.90
C VAL F 81 33.85 35.27 -3.06
N LYS F 82 35.11 34.92 -2.82
CA LYS F 82 36.24 35.83 -2.98
C LYS F 82 37.31 35.13 -3.84
N LEU F 83 38.12 35.92 -4.56
CA LEU F 83 39.23 35.35 -5.34
C LEU F 83 40.56 35.54 -4.61
N GLU F 84 41.63 35.04 -5.20
CA GLU F 84 42.96 35.26 -4.66
C GLU F 84 43.36 36.73 -4.83
N LYS F 85 43.49 37.42 -3.69
CA LYS F 85 43.93 38.81 -3.64
C LYS F 85 43.05 39.89 -4.31
N PRO F 86 42.75 40.99 -3.54
CA PRO F 86 42.02 42.15 -4.03
C PRO F 86 42.95 43.06 -4.91
N ASP F 87 43.93 42.44 -5.58
CA ASP F 87 44.76 43.11 -6.60
C ASP F 87 44.88 42.08 -7.74
N SER F 88 43.72 41.61 -8.21
CA SER F 88 43.61 40.57 -9.25
C SER F 88 44.12 41.10 -10.59
N ASN F 89 45.43 40.96 -10.80
CA ASN F 89 46.08 41.57 -11.97
C ASN F 89 46.01 40.90 -13.35
N THR F 90 45.88 39.57 -13.38
CA THR F 90 45.87 38.84 -14.65
C THR F 90 44.96 37.60 -14.81
N ASP F 91 45.36 36.46 -14.23
CA ASP F 91 44.69 35.19 -14.55
C ASP F 91 43.66 34.64 -13.58
N GLN F 92 43.76 33.33 -13.33
CA GLN F 92 42.85 32.59 -12.44
C GLN F 92 43.49 31.30 -11.85
N ARG F 93 44.48 30.72 -12.54
CA ARG F 93 45.02 29.40 -12.12
C ARG F 93 45.66 29.26 -10.73
N LEU F 94 46.93 29.68 -10.54
CA LEU F 94 47.62 29.57 -9.24
C LEU F 94 46.81 30.24 -8.10
N LYS F 95 45.67 30.81 -8.49
CA LYS F 95 44.80 31.59 -7.61
C LYS F 95 43.92 30.76 -6.66
N ILE F 96 44.17 30.99 -5.37
CA ILE F 96 43.44 30.33 -4.28
C ILE F 96 42.03 30.94 -4.12
N ILE F 97 41.02 30.08 -3.99
CA ILE F 97 39.63 30.56 -3.86
C ILE F 97 39.04 30.41 -2.46
N LYS F 98 39.21 31.43 -1.62
CA LYS F 98 38.58 31.43 -0.30
C LYS F 98 37.27 32.21 -0.43
N LEU F 99 36.31 31.90 0.41
CA LEU F 99 34.98 32.52 0.36
C LEU F 99 34.95 33.89 1.00
N SER F 100 33.74 34.43 1.16
CA SER F 100 33.54 35.74 1.77
C SER F 100 32.60 35.74 2.98
N ASN F 101 32.52 36.90 3.61
CA ASN F 101 31.58 37.12 4.69
C ASN F 101 30.18 36.66 4.25
N LYS F 102 29.66 37.22 3.15
CA LYS F 102 28.31 36.90 2.65
C LYS F 102 28.12 35.38 2.62
N GLY F 103 29.07 34.69 2.00
CA GLY F 103 29.02 33.23 1.93
C GLY F 103 29.51 32.55 3.19
N LYS F 104 29.39 33.25 4.32
CA LYS F 104 29.76 32.68 5.61
C LYS F 104 28.44 32.57 6.39
N LYS F 105 27.64 33.63 6.31
CA LYS F 105 26.33 33.64 6.96
C LYS F 105 25.46 32.54 6.35
N TYR F 106 25.67 32.33 5.05
CA TYR F 106 24.98 31.29 4.31
C TYR F 106 25.24 29.92 4.94
N ILE F 107 26.43 29.36 4.65
CA ILE F 107 26.82 28.07 5.20
C ILE F 107 26.32 27.84 6.63
N LYS F 108 26.48 28.84 7.50
CA LYS F 108 26.01 28.72 8.88
C LYS F 108 24.50 28.50 8.84
N GLU F 109 23.82 29.35 8.09
CA GLU F 109 22.37 29.22 7.92
C GLU F 109 22.08 27.95 7.13
N ARG F 110 23.09 27.49 6.39
CA ARG F 110 23.01 26.26 5.60
C ARG F 110 23.08 25.10 6.57
N LYS F 111 24.11 25.14 7.43
CA LYS F 111 24.35 24.14 8.47
C LYS F 111 23.21 24.16 9.51
N ALA F 112 22.53 25.30 9.61
CA ALA F 112 21.43 25.49 10.55
C ALA F 112 20.42 24.36 10.49
N ILE F 113 19.69 24.31 9.38
CA ILE F 113 18.66 23.30 9.21
C ILE F 113 19.29 21.94 8.90
N MET F 114 20.49 21.96 8.34
CA MET F 114 21.20 20.71 8.10
C MET F 114 21.30 20.05 9.44
N SER F 115 21.77 20.79 10.43
CA SER F 115 21.89 20.20 11.76
C SER F 115 20.55 20.04 12.49
N HIS F 116 19.76 21.11 12.54
CA HIS F 116 18.48 21.09 13.22
C HIS F 116 17.50 20.07 12.60
N ILE F 117 17.93 19.33 11.57
CA ILE F 117 17.12 18.21 11.04
C ILE F 117 17.81 16.92 11.44
N ALA F 118 19.15 16.93 11.41
CA ALA F 118 19.99 15.77 11.70
C ALA F 118 19.64 15.20 13.06
N SER F 119 19.24 16.08 13.97
CA SER F 119 18.84 15.63 15.28
C SER F 119 17.48 14.96 15.20
N ASP F 120 16.56 15.53 14.41
CA ASP F 120 15.19 15.02 14.32
C ASP F 120 15.09 13.61 13.76
N MET F 121 15.93 13.33 12.76
CA MET F 121 16.03 12.00 12.16
C MET F 121 16.80 11.05 13.07
N THR F 122 17.77 11.56 13.85
CA THR F 122 18.61 10.65 14.65
C THR F 122 18.51 10.60 16.20
N SER F 123 17.53 11.30 16.79
CA SER F 123 17.45 11.38 18.25
C SER F 123 16.59 10.39 19.07
N ASP F 124 16.21 9.26 18.48
CA ASP F 124 15.54 8.18 19.26
C ASP F 124 16.59 7.06 19.31
N PHE F 125 17.84 7.49 19.18
CA PHE F 125 18.97 6.59 19.06
C PHE F 125 19.88 6.45 20.25
N ASP F 126 20.43 5.25 20.41
CA ASP F 126 21.41 4.92 21.45
C ASP F 126 22.75 5.37 20.82
N SER F 127 23.35 6.42 21.35
CA SER F 127 24.56 6.95 20.74
C SER F 127 25.63 5.93 20.54
N LYS F 128 25.46 4.77 21.17
CA LYS F 128 26.41 3.67 21.00
C LYS F 128 26.21 3.02 19.61
N GLU F 129 24.93 2.90 19.21
CA GLU F 129 24.55 2.32 17.91
C GLU F 129 24.95 3.22 16.76
N ILE F 130 24.76 4.53 16.94
CA ILE F 130 25.10 5.54 15.94
C ILE F 130 26.58 5.60 15.65
N GLU F 131 27.41 5.61 16.70
CA GLU F 131 28.87 5.75 16.53
C GLU F 131 29.55 4.60 15.81
N LYS F 132 28.94 3.42 15.93
CA LYS F 132 29.45 2.23 15.27
C LYS F 132 29.16 2.26 13.74
N VAL F 133 28.06 2.93 13.36
CA VAL F 133 27.70 3.14 11.96
C VAL F 133 28.72 4.14 11.50
N ARG F 134 28.85 5.20 12.27
CA ARG F 134 29.82 6.25 12.02
C ARG F 134 31.21 5.63 11.82
N GLN F 135 31.46 4.59 12.59
CA GLN F 135 32.71 3.86 12.47
C GLN F 135 32.81 3.11 11.14
N VAL F 136 31.90 2.16 10.93
CA VAL F 136 31.90 1.29 9.75
C VAL F 136 31.87 1.98 8.39
N LEU F 137 31.41 3.21 8.38
CA LEU F 137 31.43 4.02 7.18
C LEU F 137 32.79 4.76 7.13
N GLU F 138 33.43 4.88 8.28
CA GLU F 138 34.70 5.58 8.37
C GLU F 138 35.81 4.88 7.62
N ILE F 139 35.98 3.61 7.92
CA ILE F 139 36.92 2.76 7.22
C ILE F 139 36.60 2.95 5.74
N ILE F 140 35.34 2.65 5.41
CA ILE F 140 34.73 2.75 4.10
C ILE F 140 35.11 4.00 3.41
N ASP F 141 34.90 5.12 4.07
CA ASP F 141 35.25 6.37 3.47
C ASP F 141 36.75 6.51 3.19
N TYR F 142 37.58 6.16 4.17
CA TYR F 142 39.03 6.23 3.98
C TYR F 142 39.37 5.36 2.75
N ARG F 143 39.07 4.08 2.87
CA ARG F 143 39.31 3.13 1.81
C ARG F 143 38.92 3.77 0.49
N ILE F 144 37.79 4.46 0.47
CA ILE F 144 37.33 5.05 -0.77
C ILE F 144 38.42 5.88 -1.41
N GLN F 145 38.91 6.89 -0.67
CA GLN F 145 39.89 7.83 -1.22
C GLN F 145 41.33 7.38 -1.20
N SER F 146 41.54 6.20 -0.61
CA SER F 146 42.84 5.53 -0.70
C SER F 146 42.92 5.04 -2.16
N TYR F 147 41.80 4.51 -2.66
CA TYR F 147 41.69 4.04 -4.06
C TYR F 147 41.44 5.20 -5.03
N THR F 148 40.55 6.10 -4.64
CA THR F 148 40.23 7.26 -5.46
C THR F 148 41.49 8.06 -5.75
N SER F 149 42.37 8.17 -4.76
CA SER F 149 43.63 8.84 -4.99
C SER F 149 44.61 7.90 -5.71
N LYS F 150 44.07 7.03 -6.57
CA LYS F 150 44.89 6.15 -7.42
C LYS F 150 44.61 6.43 -8.90
N LEU F 151 43.81 7.48 -9.12
CA LEU F 151 43.52 8.07 -10.44
C LEU F 151 42.83 7.22 -11.50
N MET G 1 -14.15 17.69 -38.14
CA MET G 1 -14.50 17.19 -36.78
C MET G 1 -13.29 17.17 -35.81
N VAL G 2 -12.07 16.99 -36.34
CA VAL G 2 -10.86 16.97 -35.49
C VAL G 2 -10.47 18.34 -34.92
N ARG G 3 -11.06 19.42 -35.45
CA ARG G 3 -10.81 20.80 -34.95
C ARG G 3 -12.08 21.46 -34.35
N ARG G 4 -13.10 20.65 -34.05
CA ARG G 4 -14.31 21.13 -33.39
C ARG G 4 -13.97 21.44 -31.93
N ILE G 5 -13.23 20.53 -31.32
CA ILE G 5 -12.87 20.63 -29.92
C ILE G 5 -12.20 21.95 -29.59
N GLU G 6 -11.68 22.60 -30.62
CA GLU G 6 -10.98 23.88 -30.51
C GLU G 6 -11.63 24.91 -29.59
N ASP G 7 -12.95 24.85 -29.45
CA ASP G 7 -13.65 25.86 -28.67
C ASP G 7 -14.17 25.44 -27.30
N HIS G 8 -14.56 24.15 -27.14
CA HIS G 8 -14.96 23.61 -25.81
C HIS G 8 -13.82 23.80 -24.81
N ILE G 9 -12.72 24.28 -25.37
CA ILE G 9 -11.55 24.59 -24.64
C ILE G 9 -11.72 26.08 -24.43
N SER G 10 -11.94 26.80 -25.51
CA SER G 10 -12.12 28.25 -25.44
C SER G 10 -13.27 28.68 -24.52
N PHE G 11 -14.27 27.81 -24.39
CA PHE G 11 -15.38 28.07 -23.48
C PHE G 11 -15.18 27.53 -22.03
N LEU G 12 -14.53 26.39 -21.86
CA LEU G 12 -14.27 25.91 -20.48
C LEU G 12 -13.24 26.88 -19.91
N GLU G 13 -12.39 27.41 -20.79
CA GLU G 13 -11.38 28.39 -20.43
C GLU G 13 -12.16 29.53 -19.85
N LYS G 14 -13.04 30.10 -20.68
CA LYS G 14 -13.96 31.17 -20.29
C LYS G 14 -14.74 30.83 -19.01
N PHE G 15 -15.37 29.66 -19.02
CA PHE G 15 -16.22 29.23 -17.94
C PHE G 15 -15.49 29.24 -16.63
N ILE G 16 -14.29 28.72 -16.63
CA ILE G 16 -13.46 28.68 -15.44
C ILE G 16 -13.43 30.12 -14.92
N ASN G 17 -13.04 31.03 -15.82
CA ASN G 17 -12.90 32.47 -15.55
C ASN G 17 -14.06 33.12 -14.80
N ASP G 18 -15.22 32.51 -14.90
CA ASP G 18 -16.37 33.12 -14.30
C ASP G 18 -16.73 32.52 -12.97
N VAL G 19 -16.70 31.21 -12.85
CA VAL G 19 -16.99 30.65 -11.57
C VAL G 19 -15.95 31.35 -10.78
N ASN G 20 -14.77 31.46 -11.39
CA ASN G 20 -13.69 32.22 -10.80
C ASN G 20 -14.16 33.63 -10.46
N THR G 21 -14.72 34.31 -11.45
CA THR G 21 -15.21 35.68 -11.25
C THR G 21 -16.24 35.73 -10.10
N LEU G 22 -17.31 34.96 -10.22
CA LEU G 22 -18.39 34.98 -9.25
C LEU G 22 -17.96 34.85 -7.79
N THR G 23 -17.31 33.75 -7.49
CA THR G 23 -16.92 33.47 -6.12
C THR G 23 -16.08 34.57 -5.49
N ALA G 24 -14.95 34.88 -6.13
CA ALA G 24 -14.01 35.86 -5.62
C ALA G 24 -14.62 37.22 -5.37
N LYS G 25 -15.88 37.41 -5.79
CA LYS G 25 -16.61 38.65 -5.51
C LYS G 25 -17.69 38.35 -4.48
N LEU G 26 -18.36 37.21 -4.66
CA LEU G 26 -19.42 36.81 -3.75
C LEU G 26 -18.90 36.64 -2.33
N LEU G 27 -17.83 35.86 -2.19
CA LEU G 27 -17.30 35.55 -0.87
C LEU G 27 -16.67 36.73 -0.15
N LYS G 28 -16.31 37.76 -0.92
CA LYS G 28 -15.72 38.97 -0.37
C LYS G 28 -16.52 39.61 0.77
N ASP G 29 -17.84 39.35 0.80
CA ASP G 29 -18.74 39.83 1.89
C ASP G 29 -18.37 39.15 3.21
N LEU G 30 -18.07 37.85 3.13
CA LEU G 30 -17.63 37.08 4.29
C LEU G 30 -16.12 37.29 4.47
N GLN G 31 -15.43 37.64 3.39
CA GLN G 31 -13.99 37.94 3.45
C GLN G 31 -13.69 39.11 4.36
N THR G 32 -14.55 40.11 4.30
CA THR G 32 -14.39 41.25 5.16
C THR G 32 -14.66 40.86 6.62
N GLU G 33 -15.85 40.31 6.90
CA GLU G 33 -16.26 40.01 8.29
C GLU G 33 -15.33 39.13 9.10
N TYR G 34 -14.35 38.51 8.44
CA TYR G 34 -13.32 37.77 9.12
C TYR G 34 -11.96 38.43 8.86
N GLY G 35 -11.99 39.48 8.02
CA GLY G 35 -10.82 40.26 7.69
C GLY G 35 -9.80 39.59 6.76
N ILE G 36 -10.19 38.43 6.19
CA ILE G 36 -9.33 37.60 5.30
C ILE G 36 -9.31 38.01 3.82
N SER G 37 -8.29 37.59 3.10
CA SER G 37 -8.18 37.95 1.68
C SER G 37 -8.87 36.93 0.79
N ALA G 38 -9.62 37.42 -0.19
CA ALA G 38 -10.34 36.58 -1.14
C ALA G 38 -9.40 35.59 -1.88
N GLU G 39 -8.20 35.43 -1.30
CA GLU G 39 -7.20 34.47 -1.76
C GLU G 39 -6.77 33.61 -0.56
N GLN G 40 -6.77 34.20 0.63
CA GLN G 40 -6.45 33.46 1.84
C GLN G 40 -7.62 32.58 2.22
N SER G 41 -8.69 32.73 1.45
CA SER G 41 -9.89 31.91 1.60
C SER G 41 -9.60 30.53 1.01
N HIS G 42 -8.85 30.52 -0.08
CA HIS G 42 -8.49 29.29 -0.74
C HIS G 42 -7.54 28.48 0.15
N VAL G 43 -6.72 29.20 0.92
CA VAL G 43 -5.78 28.59 1.88
C VAL G 43 -6.56 27.73 2.89
N LEU G 44 -7.79 28.16 3.20
CA LEU G 44 -8.69 27.43 4.12
C LEU G 44 -9.38 26.31 3.40
N ASN G 45 -9.64 26.56 2.12
CA ASN G 45 -10.29 25.60 1.25
C ASN G 45 -9.36 24.40 1.05
N MET G 46 -8.07 24.61 1.35
CA MET G 46 -7.03 23.57 1.30
C MET G 46 -6.92 22.74 2.58
N LEU G 47 -6.99 23.42 3.72
CA LEU G 47 -6.88 22.79 5.02
C LEU G 47 -8.18 22.13 5.43
N SER G 48 -9.29 22.61 4.89
CA SER G 48 -10.58 21.98 5.13
C SER G 48 -10.49 20.53 4.63
N ILE G 49 -9.52 20.27 3.74
CA ILE G 49 -9.34 18.95 3.13
C ILE G 49 -8.46 18.00 3.95
N GLU G 50 -7.24 18.45 4.23
CA GLU G 50 -6.25 17.62 4.88
C GLU G 50 -5.27 18.51 5.62
N ALA G 51 -4.86 18.10 6.81
CA ALA G 51 -3.87 18.85 7.56
C ALA G 51 -2.60 18.96 6.71
N LEU G 52 -2.13 20.19 6.46
CA LEU G 52 -0.92 20.39 5.65
C LEU G 52 0.16 21.28 6.28
N THR G 53 1.36 21.24 5.71
CA THR G 53 2.47 22.15 6.08
C THR G 53 2.65 23.13 4.91
N VAL G 54 3.57 24.07 5.05
CA VAL G 54 3.76 25.10 4.02
C VAL G 54 4.15 24.56 2.67
N GLY G 55 5.23 23.80 2.62
CA GLY G 55 5.69 23.19 1.38
C GLY G 55 4.55 22.40 0.75
N GLN G 56 3.80 21.69 1.60
CA GLN G 56 2.61 20.96 1.19
C GLN G 56 1.62 21.94 0.56
N ILE G 57 1.44 23.11 1.19
CA ILE G 57 0.57 24.13 0.63
C ILE G 57 1.14 24.66 -0.68
N THR G 58 2.34 25.21 -0.60
CA THR G 58 2.98 25.86 -1.74
C THR G 58 2.87 25.06 -3.03
N GLU G 59 3.18 23.76 -2.91
CA GLU G 59 3.18 22.82 -4.01
C GLU G 59 2.24 23.22 -5.16
N LYS G 60 0.96 23.31 -4.84
CA LYS G 60 -0.08 23.58 -5.82
C LYS G 60 0.05 24.82 -6.70
N GLN G 61 0.59 25.91 -6.13
CA GLN G 61 0.66 27.19 -6.84
C GLN G 61 2.06 27.63 -7.26
N GLY G 62 2.26 27.77 -8.58
CA GLY G 62 3.54 28.20 -9.15
C GLY G 62 4.72 27.65 -8.36
N VAL G 63 5.65 28.54 -8.02
CA VAL G 63 6.77 28.22 -7.10
C VAL G 63 6.79 29.43 -6.14
N ASN G 64 5.69 29.51 -5.38
CA ASN G 64 5.33 30.64 -4.53
C ASN G 64 6.21 31.12 -3.37
N LYS G 65 7.48 30.73 -3.41
CA LYS G 65 8.50 31.25 -2.50
C LYS G 65 8.10 31.47 -1.04
N ALA G 66 8.74 32.46 -0.42
CA ALA G 66 8.52 32.79 0.99
C ALA G 66 7.35 33.76 1.26
N ALA G 67 6.43 33.86 0.30
CA ALA G 67 5.27 34.74 0.42
C ALA G 67 4.22 34.16 1.35
N VAL G 68 3.67 33.01 0.98
CA VAL G 68 2.59 32.38 1.76
C VAL G 68 2.95 32.20 3.22
N SER G 69 4.25 32.25 3.52
CA SER G 69 4.72 32.19 4.90
C SER G 69 3.87 33.22 5.64
N ARG G 70 4.03 34.48 5.23
CA ARG G 70 3.26 35.59 5.78
C ARG G 70 1.80 35.14 5.83
N ARG G 71 1.24 34.85 4.65
CA ARG G 71 -0.15 34.44 4.52
C ARG G 71 -0.63 33.53 5.65
N VAL G 72 0.08 32.43 5.88
CA VAL G 72 -0.33 31.47 6.90
C VAL G 72 -0.02 31.97 8.29
N LYS G 73 1.15 32.59 8.45
CA LYS G 73 1.55 33.17 9.72
C LYS G 73 0.45 34.16 10.14
N LYS G 74 -0.21 34.73 9.13
CA LYS G 74 -1.30 35.69 9.31
C LYS G 74 -2.59 35.07 9.88
N LEU G 75 -3.17 34.10 9.19
CA LEU G 75 -4.38 33.44 9.67
C LEU G 75 -4.11 32.78 11.02
N LEU G 76 -2.83 32.54 11.27
CA LEU G 76 -2.40 31.99 12.54
C LEU G 76 -2.41 33.16 13.53
N ASN G 77 -1.83 34.30 13.11
CA ASN G 77 -1.81 35.51 13.95
C ASN G 77 -3.22 36.10 14.17
N ALA G 78 -4.16 35.70 13.31
CA ALA G 78 -5.57 36.11 13.45
C ALA G 78 -6.41 34.85 13.59
N GLU G 79 -6.30 34.23 14.77
CA GLU G 79 -6.99 32.98 15.14
C GLU G 79 -8.12 32.55 14.23
N LEU G 80 -7.93 31.36 13.62
CA LEU G 80 -8.85 30.78 12.66
C LEU G 80 -8.15 29.51 12.19
N VAL G 81 -6.82 29.59 12.12
CA VAL G 81 -5.94 28.47 11.76
C VAL G 81 -4.74 28.52 12.71
N LYS G 82 -4.25 27.33 13.11
CA LYS G 82 -3.15 27.24 14.06
C LYS G 82 -2.22 26.05 13.81
N LEU G 83 -1.11 26.03 14.54
CA LEU G 83 -0.18 24.93 14.53
C LEU G 83 -0.88 23.77 15.17
N GLU G 84 -0.13 22.68 15.33
CA GLU G 84 -0.52 21.59 16.21
C GLU G 84 0.83 21.28 16.86
N LYS G 85 1.13 20.00 17.10
CA LYS G 85 2.44 19.58 17.61
C LYS G 85 2.72 20.09 19.03
N PRO G 86 2.93 19.16 20.01
CA PRO G 86 3.17 19.57 21.39
C PRO G 86 4.14 20.75 21.47
N ASP G 87 5.33 20.60 20.88
CA ASP G 87 6.32 21.69 20.81
C ASP G 87 7.42 21.43 19.76
N SER G 88 7.73 22.51 19.01
CA SER G 88 8.82 22.53 18.03
C SER G 88 9.62 23.84 18.23
N ASN G 89 10.94 23.77 18.13
CA ASN G 89 11.82 24.95 18.30
C ASN G 89 11.50 25.97 17.20
N THR G 90 11.95 25.68 15.98
CA THR G 90 11.61 26.44 14.77
C THR G 90 11.58 25.45 13.59
N ASP G 91 10.81 24.36 13.75
CA ASP G 91 10.63 23.34 12.72
C ASP G 91 9.37 23.71 11.93
N GLN G 92 9.37 24.92 11.38
CA GLN G 92 8.22 25.47 10.65
C GLN G 92 7.86 24.67 9.40
N ARG G 93 8.84 23.90 8.92
CA ARG G 93 8.64 23.01 7.78
C ARG G 93 7.85 21.80 8.33
N LEU G 94 8.32 21.27 9.45
CA LEU G 94 7.65 20.18 10.18
C LEU G 94 6.31 20.66 10.75
N LYS G 95 6.11 21.99 10.81
CA LYS G 95 4.88 22.55 11.37
C LYS G 95 3.67 22.48 10.45
N ILE G 96 2.77 21.56 10.83
CA ILE G 96 1.53 21.27 10.14
C ILE G 96 0.44 22.21 10.62
N ILE G 97 -0.17 22.90 9.66
CA ILE G 97 -1.21 23.86 9.97
C ILE G 97 -2.58 23.41 9.50
N LYS G 98 -3.53 23.42 10.45
CA LYS G 98 -4.91 23.15 10.13
C LYS G 98 -5.76 24.14 10.91
N LEU G 99 -6.96 24.36 10.40
CA LEU G 99 -7.92 25.32 10.94
C LEU G 99 -8.22 25.24 12.45
N SER G 100 -8.46 26.40 13.04
CA SER G 100 -8.86 26.50 14.43
C SER G 100 -10.36 26.75 14.43
N ASN G 101 -11.11 25.81 15.01
CA ASN G 101 -12.57 25.84 15.16
C ASN G 101 -13.35 26.73 14.20
N LYS G 102 -13.18 28.04 14.32
CA LYS G 102 -13.88 29.02 13.48
C LYS G 102 -13.46 28.94 12.00
N GLY G 103 -12.31 28.30 11.76
CA GLY G 103 -11.88 27.99 10.40
C GLY G 103 -12.94 27.00 9.98
N LYS G 104 -12.89 25.80 10.57
CA LYS G 104 -13.91 24.77 10.36
C LYS G 104 -15.28 25.44 10.33
N LYS G 105 -15.42 26.51 11.13
CA LYS G 105 -16.65 27.28 11.23
C LYS G 105 -16.83 28.13 9.98
N TYR G 106 -15.84 28.94 9.67
CA TYR G 106 -15.93 29.75 8.47
C TYR G 106 -16.10 28.88 7.21
N ILE G 107 -15.44 27.73 7.17
CA ILE G 107 -15.54 26.81 6.01
C ILE G 107 -16.90 26.13 5.98
N LYS G 108 -17.45 25.82 7.16
CA LYS G 108 -18.82 25.35 7.22
C LYS G 108 -19.64 26.57 6.72
N GLU G 109 -19.33 27.76 7.23
CA GLU G 109 -20.03 28.97 6.81
C GLU G 109 -19.85 29.16 5.31
N ARG G 110 -18.61 29.10 4.82
CA ARG G 110 -18.36 29.33 3.40
C ARG G 110 -19.26 28.51 2.51
N LYS G 111 -19.24 27.20 2.69
CA LYS G 111 -20.07 26.33 1.88
C LYS G 111 -21.49 26.21 2.38
N ALA G 112 -22.07 27.38 2.72
CA ALA G 112 -23.50 27.53 3.00
C ALA G 112 -23.95 28.38 1.80
N ILE G 113 -23.33 29.54 1.63
CA ILE G 113 -23.61 30.41 0.49
C ILE G 113 -23.41 29.58 -0.75
N MET G 114 -22.18 29.11 -0.87
CA MET G 114 -21.71 28.28 -1.97
C MET G 114 -22.68 27.21 -2.26
N SER G 115 -23.20 26.63 -1.19
CA SER G 115 -24.17 25.57 -1.30
C SER G 115 -25.51 26.13 -1.80
N HIS G 116 -25.96 27.24 -1.21
CA HIS G 116 -27.21 27.87 -1.60
C HIS G 116 -27.31 28.09 -3.11
N ILE G 117 -26.46 28.98 -3.60
CA ILE G 117 -26.46 29.41 -4.99
C ILE G 117 -26.40 28.26 -6.01
N ALA G 118 -25.46 27.34 -5.83
CA ALA G 118 -25.29 26.26 -6.76
C ALA G 118 -26.61 25.65 -7.12
N SER G 119 -27.24 25.04 -6.13
CA SER G 119 -28.53 24.39 -6.34
C SER G 119 -29.59 25.38 -6.75
N ASP G 120 -29.37 26.64 -6.40
CA ASP G 120 -30.30 27.68 -6.77
C ASP G 120 -30.14 28.11 -8.23
N MET G 121 -29.21 27.47 -8.97
CA MET G 121 -29.08 27.66 -10.42
C MET G 121 -29.43 26.34 -11.10
N THR G 122 -28.86 25.27 -10.58
CA THR G 122 -29.08 23.93 -11.09
C THR G 122 -30.53 23.48 -10.81
N SER G 123 -31.35 24.46 -10.46
CA SER G 123 -32.71 24.22 -9.98
C SER G 123 -33.66 23.45 -10.86
N ASP G 124 -33.96 23.97 -12.05
CA ASP G 124 -34.91 23.33 -12.96
C ASP G 124 -34.22 22.20 -13.70
N PHE G 125 -33.28 21.56 -13.02
CA PHE G 125 -32.47 20.48 -13.60
C PHE G 125 -32.74 19.06 -13.09
N ASP G 126 -32.92 18.15 -14.04
CA ASP G 126 -33.10 16.73 -13.77
C ASP G 126 -31.74 16.08 -13.43
N SER G 127 -31.64 15.54 -12.20
CA SER G 127 -30.41 14.89 -11.72
C SER G 127 -29.71 14.01 -12.76
N LYS G 128 -30.48 13.46 -13.69
CA LYS G 128 -29.98 12.65 -14.80
C LYS G 128 -28.93 13.40 -15.64
N GLU G 129 -29.25 14.65 -15.98
CA GLU G 129 -28.34 15.42 -16.79
C GLU G 129 -27.14 15.91 -16.00
N ILE G 130 -27.32 16.12 -14.69
CA ILE G 130 -26.22 16.55 -13.80
C ILE G 130 -25.30 15.37 -13.50
N GLU G 131 -25.89 14.24 -13.17
CA GLU G 131 -25.14 13.05 -12.82
C GLU G 131 -24.36 12.64 -14.03
N LYS G 132 -24.92 12.89 -15.22
CA LYS G 132 -24.23 12.55 -16.45
C LYS G 132 -23.09 13.50 -16.74
N VAL G 133 -23.37 14.78 -16.58
CA VAL G 133 -22.37 15.79 -16.77
C VAL G 133 -21.15 15.50 -15.89
N ARG G 134 -21.40 15.27 -14.60
CA ARG G 134 -20.38 14.96 -13.59
C ARG G 134 -19.64 13.63 -13.93
N GLN G 135 -20.40 12.62 -14.35
CA GLN G 135 -19.80 11.38 -14.77
C GLN G 135 -18.81 11.70 -15.86
N VAL G 136 -19.15 12.64 -16.74
CA VAL G 136 -18.27 13.02 -17.84
C VAL G 136 -17.07 13.90 -17.46
N LEU G 137 -17.32 15.07 -16.88
CA LEU G 137 -16.26 15.95 -16.37
C LEU G 137 -15.38 15.14 -15.40
N GLU G 138 -15.93 13.99 -14.98
CA GLU G 138 -15.26 13.05 -14.10
C GLU G 138 -14.17 12.27 -14.83
N ILE G 139 -14.39 11.94 -16.10
CA ILE G 139 -13.42 11.18 -16.86
C ILE G 139 -12.20 12.02 -17.23
N ILE G 140 -12.44 13.21 -17.76
CA ILE G 140 -11.38 14.15 -18.08
C ILE G 140 -10.62 14.49 -16.79
N ASP G 141 -11.28 14.52 -15.66
CA ASP G 141 -10.50 14.77 -14.48
C ASP G 141 -9.35 13.78 -14.45
N TYR G 142 -9.64 12.49 -14.50
CA TYR G 142 -8.56 11.50 -14.44
C TYR G 142 -7.60 11.65 -15.59
N ARG G 143 -8.09 12.13 -16.73
CA ARG G 143 -7.26 12.30 -17.93
C ARG G 143 -6.28 13.49 -17.80
N ILE G 144 -6.66 14.51 -17.03
CA ILE G 144 -5.74 15.61 -16.76
C ILE G 144 -4.91 15.25 -15.54
N GLN G 145 -5.47 14.44 -14.66
CA GLN G 145 -4.70 14.01 -13.50
C GLN G 145 -3.70 12.99 -13.98
N SER G 146 -4.18 11.89 -14.59
CA SER G 146 -3.31 10.85 -15.10
C SER G 146 -2.22 11.54 -15.89
N TYR G 147 -2.57 12.65 -16.52
CA TYR G 147 -1.57 13.41 -17.24
C TYR G 147 -0.48 13.99 -16.31
N THR G 148 -0.89 14.83 -15.36
CA THR G 148 0.06 15.52 -14.46
C THR G 148 0.72 14.62 -13.41
N SER G 149 0.51 13.32 -13.59
CA SER G 149 1.18 12.27 -12.83
C SER G 149 2.34 11.86 -13.72
N LYS G 150 2.22 12.15 -15.01
CA LYS G 150 3.24 11.81 -15.99
C LYS G 150 3.70 13.11 -16.70
N LEU G 151 4.43 13.94 -15.96
CA LEU G 151 4.88 15.27 -16.41
C LEU G 151 3.71 16.29 -16.51
C1 EDO J . 26.11 -41.20 15.06
O1 EDO J . 26.08 -41.79 16.36
C2 EDO J . 26.96 -39.94 15.09
O2 EDO J . 27.07 -39.42 13.77
C1 EDO K . 35.18 -19.93 13.05
O1 EDO K . 35.87 -20.92 12.28
C2 EDO K . 35.14 -18.58 12.31
O2 EDO K . 34.40 -17.62 13.04
C TRS L . -15.06 -5.98 21.87
C1 TRS L . -14.66 -5.17 23.12
C2 TRS L . -16.39 -5.47 21.33
C3 TRS L . -15.17 -7.45 22.26
N TRS L . -14.00 -5.80 20.87
O1 TRS L . -13.36 -5.59 23.50
O2 TRS L . -16.23 -4.15 20.81
O3 TRS L . -13.93 -7.92 22.79
C1 EDO M . -1.67 0.31 -24.06
O1 EDO M . -1.56 0.95 -22.78
C2 EDO M . -1.69 1.34 -25.19
O2 EDO M . -1.59 0.70 -26.46
C1 EDO N . 53.16 33.31 4.03
O1 EDO N . 54.52 33.74 3.90
C2 EDO N . 52.38 34.22 4.96
O2 EDO N . 51.03 33.75 5.12
C TRS O . 25.34 -4.35 23.35
C1 TRS O . 25.94 -5.73 23.59
C2 TRS O . 25.76 -3.85 21.97
C3 TRS O . 25.86 -3.37 24.43
N TRS O . 23.88 -4.42 23.43
O1 TRS O . 25.33 -6.35 24.73
O2 TRS O . 25.09 -2.62 21.65
O3 TRS O . 27.29 -3.35 24.45
C1 EDO P . -17.28 -50.65 13.95
O1 EDO P . -17.51 -50.63 15.36
C2 EDO P . -16.22 -51.69 13.54
O2 EDO P . -16.12 -51.84 12.13
C1 EDO Q . -7.37 -48.51 15.45
O1 EDO Q . -5.98 -48.18 15.35
C2 EDO Q . -8.02 -47.76 16.63
O2 EDO Q . -9.42 -48.03 16.70
C TRS R . 11.29 -45.73 21.98
C1 TRS R . 11.88 -47.10 21.60
C2 TRS R . 9.80 -45.75 21.81
C3 TRS R . 11.93 -44.70 21.03
N TRS R . 11.61 -45.41 23.39
O1 TRS R . 11.91 -47.98 22.73
O2 TRS R . 9.26 -44.59 22.47
O3 TRS R . 11.57 -43.38 21.41
C TRS S . -42.24 -26.92 -12.54
C1 TRS S . -42.81 -25.51 -12.32
C2 TRS S . -40.72 -26.89 -12.40
C3 TRS S . -42.57 -27.35 -13.98
N TRS S . -42.85 -27.88 -11.62
O1 TRS S . -42.46 -25.04 -11.01
O2 TRS S . -40.18 -28.18 -12.70
O3 TRS S . -42.08 -28.67 -14.21
C TRS T . -48.29 -31.76 -6.52
C1 TRS T . -47.83 -33.05 -7.27
C2 TRS T . -47.21 -30.70 -6.69
C3 TRS T . -48.51 -32.04 -5.06
N TRS T . -49.56 -31.29 -7.12
O1 TRS T . -48.90 -33.99 -7.33
O2 TRS T . -46.98 -30.42 -8.09
O3 TRS T . -49.09 -30.87 -4.45
#